data_7VG3
#
_entry.id   7VG3
#
_cell.length_a   1.00
_cell.length_b   1.00
_cell.length_c   1.00
_cell.angle_alpha   90.00
_cell.angle_beta   90.00
_cell.angle_gamma   90.00
#
_symmetry.space_group_name_H-M   'P 1'
#
loop_
_entity.id
_entity.type
_entity.pdbx_description
1 polymer 'Dicer-like 3'
2 polymer "TAS1a RNA forward strand (5'-phosphorylated)"
3 polymer 'TAS1a RNA reverse strand'
4 non-polymer 'CALCIUM ION'
5 non-polymer 'ZINC ION'
#
loop_
_entity_poly.entity_id
_entity_poly.type
_entity_poly.pdbx_seq_one_letter_code
_entity_poly.pdbx_strand_id
1 'polypeptide(L)'
;MWSHPQFEKGGGARGGSGGGSWSHPQFEKGFDYKDDDDKGSGSENLYFQGSMHSSLEPEKMEEGGGSNSLKRKFSEIDGD
QNLDSVSSPMMTDSNGSYELKVYEVAKNRNIIAVLGTGIDKSEITKRLIKAMGSSDTDKRLIIFLAPTVNLVKQQCCEIR
ALVNLKVEEYFGAKGVDKWTSQRWDEEFSKHDVLVMTPQILLDVLRSAFLKLEMVCLLIIDECHHTTGNHPYAKLMKEFY
HESTSKPKIFGLTASAVIRKAQVSELERLMDSKIFNPEEREGVEKFATTVKEGPILYNPSPSCSLELKEKLETSHLKFDA
SLRRLQELGKDSFLNMDNKFETYQKRLSIDYREILHCLDNLGLICAHLAAEVCLEKISDTKEESETYKECSMVCKEFLED
ILSTIGVYLPQDDKSLVDLQQNHLSAVISGHVSPKLKELFHLLDSFRGDKQKQCLILVERIITAKVIERFVKKEASLAYL
NVLYLTENNPSTNVSAQKMQIEIPDLFQHGKVNLLFITDVVEEGFQVPDCSCMVCFDLPKTMCSYSQSQKHAKQSNSKSI
MFLERGNPKQRDHLHDLMRREVLIQDPEAPNLKSCPPPVKNGHGVKEIGSMVIPDSNITVSEEAASTQTMSDPPSRNEQL
PPCKKLRLDNNLLQSNGKEKVASSKSKSSSSAAGSKKRKELHGTTCANALSGTWGENIDGATFQAYKFDFCCNISGEVYS
SFSLLLESTLAEDVGKVEMDLYLVRKLVKASVSPCGQIRLSQEELVKAKYFQQFFFNGMFGKLFVGSKSQGTKREFLLQT
DTSSLWHPAFMFLLLPVETNDLASSATIDWSAINSCASIVEFLKKNSLLDLRDSDGNQCNTSSGQEVLLDDKMEETNLIH
FANASSDKNSLEELVVIAIHTGRIYSIVEAVSDSSAMSPFEVDASSGYATYAEYFNKKYGIVLAHPNQPLMKLKQSHHAH
NLLVDFNEEMVVKTEPKAGNVRKRKPNIHAHLPPELLARIDVPRAVLKSIYLLPSVMHRLESLMLASQLREEIDCSIDNF
SISSTSILEAVTTLTCPESFSMERLELLGDSVLKYVASCHLFLKYPDKDEGQLSRQRQSIISNSNLHRLTTSRKLQGYIR
NGAFEPRRWTAPGQFSLFPVPCKCGIDTREVPLDPKFFTENMTIKIGKSCDMGHRWVVSKSVSDCAEALIGAYYVSGGLS
ASLHMMKWLGIDVDFDPNLVVEAINRVSLRCYIPKEDELIELERKIQHEFSAKFLLKEAITHSSLRESYSYERLEFLGDS
VLDFLITRHLFNTYEQTGPGEMTDLRSACVNNENFAQVAVKNNLHTHLQRCATVLETQINDYLMSFQKPDETGRSIPSIQ
GPKALGDVVESIAGALLIDTRLDLDQVWRVFEPLLSPLVTPDKLQLPPYRELNELCDSLGYFFRVKCSNDGVKAQATIQL
QLDDVLLTGDGSEQTNKLALGKAASHLLTQLEKRNISRKTSLGDNQSSMDVNLACNHSDRETLTSETTEIQSIVIPFIGP
INMKKGGPRGTLHEFCKKHLWPMPTFDTSEEKSRTPFEFIDGGEKRTSFSSFTSTITLRIPNREAVMYAGEARPDKKSSF
DSAVVELLYELERRKIVIIQK
;
A
2 'polyribonucleotide' UACAAGCGAAUGAGUCAUUCAUCCUAAGUC C
3 'polyribonucleotide' GACUUAGGAUGAAUGACUCAUUCGCUUGUAGA D
#
loop_
_chem_comp.id
_chem_comp.type
_chem_comp.name
_chem_comp.formula
A RNA linking ADENOSINE-5'-MONOPHOSPHATE 'C10 H14 N5 O7 P'
C RNA linking CYTIDINE-5'-MONOPHOSPHATE 'C9 H14 N3 O8 P'
CA non-polymer 'CALCIUM ION' 'Ca 2'
G RNA linking GUANOSINE-5'-MONOPHOSPHATE 'C10 H14 N5 O8 P'
U RNA linking URIDINE-5'-MONOPHOSPHATE 'C9 H13 N2 O9 P'
ZN non-polymer 'ZINC ION' 'Zn 2'
#
# COMPACT_ATOMS: atom_id res chain seq x y z
N ALA A 672 18.50 16.43 4.26
CA ALA A 672 17.16 15.89 4.12
C ALA A 672 16.19 16.60 5.05
N ALA A 673 14.95 16.77 4.60
CA ALA A 673 13.90 17.40 5.38
C ALA A 673 12.54 16.78 5.15
N GLY A 674 12.48 15.50 4.80
CA GLY A 674 11.24 14.88 4.43
C GLY A 674 11.36 14.02 3.19
N SER A 675 12.59 13.76 2.77
CA SER A 675 12.85 12.96 1.60
C SER A 675 12.72 11.47 1.94
N LYS A 676 13.16 10.62 1.00
CA LYS A 676 12.91 9.19 1.13
C LYS A 676 14.01 8.47 1.89
N LYS A 677 15.06 9.18 2.29
CA LYS A 677 16.15 8.49 2.97
C LYS A 677 16.16 8.77 4.47
N ARG A 678 15.70 9.95 4.88
CA ARG A 678 15.56 10.22 6.31
C ARG A 678 14.47 9.36 6.93
N LYS A 679 14.84 8.56 7.93
CA LYS A 679 13.91 7.71 8.64
C LYS A 679 13.95 8.08 10.10
N GLU A 680 12.80 8.02 10.78
CA GLU A 680 12.73 8.38 12.19
C GLU A 680 11.62 7.64 12.90
N LEU A 681 11.69 7.59 14.22
CA LEU A 681 10.63 6.95 15.00
C LEU A 681 9.41 7.86 15.08
N HIS A 682 8.23 7.24 15.16
CA HIS A 682 7.01 7.94 15.52
C HIS A 682 6.16 7.00 16.35
N GLY A 683 5.45 7.54 17.33
CA GLY A 683 4.67 6.71 18.22
C GLY A 683 3.29 6.44 17.66
N THR A 684 2.73 5.28 17.98
CA THR A 684 1.39 4.95 17.53
C THR A 684 0.37 5.59 18.48
N THR A 685 -0.89 5.53 18.08
CA THR A 685 -1.98 6.10 18.85
C THR A 685 -2.96 5.00 19.23
N CYS A 686 -3.34 4.97 20.50
CA CYS A 686 -4.33 4.00 20.95
C CYS A 686 -5.72 4.39 20.44
N ALA A 687 -6.68 3.50 20.69
CA ALA A 687 -8.00 3.64 20.10
C ALA A 687 -8.77 4.81 20.67
N ASN A 688 -8.72 4.97 22.01
CA ASN A 688 -9.26 6.07 22.81
C ASN A 688 -10.80 6.04 22.85
N ALA A 689 -11.41 5.15 22.07
CA ALA A 689 -12.83 4.86 22.25
C ALA A 689 -13.00 3.42 22.69
N LEU A 690 -11.89 2.74 22.96
CA LEU A 690 -11.97 1.32 23.32
C LEU A 690 -12.30 1.17 24.80
N SER A 691 -11.42 1.66 25.68
CA SER A 691 -11.69 1.62 27.11
C SER A 691 -10.85 2.68 27.81
N GLY A 692 -11.38 3.17 28.93
CA GLY A 692 -10.65 4.10 29.78
C GLY A 692 -10.56 3.67 31.22
N THR A 693 -11.51 2.84 31.66
CA THR A 693 -11.58 2.41 33.05
C THR A 693 -12.29 1.06 33.09
N TRP A 694 -12.59 0.62 34.31
CA TRP A 694 -13.26 -0.66 34.52
C TRP A 694 -14.05 -0.64 35.82
N GLY A 695 -15.19 -1.32 35.81
CA GLY A 695 -16.12 -1.32 36.93
C GLY A 695 -15.84 -2.31 38.03
N GLU A 696 -14.58 -2.68 38.27
CA GLU A 696 -14.27 -3.63 39.32
C GLU A 696 -14.22 -2.96 40.69
N ASN A 697 -14.29 -1.63 40.72
CA ASN A 697 -14.35 -0.91 41.98
C ASN A 697 -15.80 -0.83 42.47
N ILE A 698 -16.71 -0.43 41.58
CA ILE A 698 -18.11 -0.21 41.95
C ILE A 698 -18.83 -1.54 42.12
N ASP A 699 -18.27 -2.61 41.52
CA ASP A 699 -18.72 -4.02 41.53
C ASP A 699 -20.03 -4.24 40.79
N GLY A 700 -20.54 -3.23 40.07
CA GLY A 700 -21.59 -3.41 39.11
C GLY A 700 -21.29 -2.64 37.83
N ALA A 701 -21.15 -3.35 36.71
CA ALA A 701 -20.70 -2.73 35.47
C ALA A 701 -21.72 -2.94 34.37
N THR A 702 -21.95 -1.91 33.57
CA THR A 702 -22.89 -1.95 32.44
C THR A 702 -22.11 -1.84 31.15
N PHE A 703 -22.50 -2.64 30.16
CA PHE A 703 -21.77 -2.71 28.90
C PHE A 703 -22.66 -2.26 27.75
N GLN A 704 -22.04 -2.04 26.60
CA GLN A 704 -22.72 -1.86 25.33
C GLN A 704 -22.42 -3.08 24.47
N ALA A 705 -23.42 -3.60 23.78
CA ALA A 705 -23.26 -4.84 23.03
C ALA A 705 -23.16 -4.55 21.55
N TYR A 706 -22.46 -5.42 20.82
CA TYR A 706 -22.32 -5.35 19.37
C TYR A 706 -22.26 -6.77 18.82
N LYS A 707 -23.23 -7.12 17.98
CA LYS A 707 -23.38 -8.46 17.47
C LYS A 707 -22.28 -8.80 16.48
N PHE A 708 -21.93 -10.10 16.38
CA PHE A 708 -20.99 -10.64 15.39
C PHE A 708 -21.61 -11.86 14.73
N ASP A 709 -22.30 -11.66 13.61
CA ASP A 709 -22.87 -12.76 12.86
C ASP A 709 -22.02 -13.03 11.62
N PHE A 710 -21.95 -14.29 11.21
CA PHE A 710 -21.12 -14.70 10.10
C PHE A 710 -21.94 -15.47 9.07
N CYS A 711 -21.92 -14.99 7.83
CA CYS A 711 -22.61 -15.62 6.72
C CYS A 711 -21.58 -16.06 5.69
N CYS A 712 -21.73 -17.29 5.20
CA CYS A 712 -20.72 -17.95 4.38
C CYS A 712 -21.24 -18.14 2.96
N ASN A 713 -20.35 -17.94 1.98
CA ASN A 713 -20.72 -18.13 0.58
C ASN A 713 -20.84 -19.61 0.24
N ILE A 714 -19.73 -20.33 0.36
CA ILE A 714 -19.76 -21.80 0.35
C ILE A 714 -20.54 -22.26 1.58
N SER A 715 -21.26 -23.38 1.42
CA SER A 715 -22.15 -23.89 2.48
C SER A 715 -21.39 -24.18 3.76
N GLY A 716 -20.42 -25.09 3.70
CA GLY A 716 -19.39 -25.18 4.73
C GLY A 716 -19.91 -25.59 6.10
N GLU A 717 -19.93 -24.63 7.02
CA GLU A 717 -20.35 -24.85 8.39
C GLU A 717 -20.93 -23.55 8.92
N VAL A 718 -21.93 -23.67 9.79
CA VAL A 718 -22.63 -22.52 10.35
C VAL A 718 -21.82 -22.00 11.54
N TYR A 719 -21.29 -20.79 11.41
CA TYR A 719 -20.47 -20.21 12.45
C TYR A 719 -21.34 -19.65 13.55
N SER A 720 -21.02 -19.99 14.80
CA SER A 720 -21.76 -19.43 15.91
C SER A 720 -21.41 -17.96 16.08
N SER A 721 -22.35 -17.20 16.60
CA SER A 721 -22.15 -15.76 16.69
C SER A 721 -21.30 -15.39 17.89
N PHE A 722 -20.99 -14.11 18.00
CA PHE A 722 -20.38 -13.52 19.18
C PHE A 722 -20.96 -12.15 19.43
N SER A 723 -20.65 -11.61 20.60
CA SER A 723 -20.90 -10.22 20.92
C SER A 723 -19.64 -9.67 21.59
N LEU A 724 -19.28 -8.44 21.26
CA LEU A 724 -18.14 -7.79 21.91
C LEU A 724 -18.67 -6.63 22.72
N LEU A 725 -18.19 -6.50 23.96
CA LEU A 725 -18.68 -5.48 24.86
C LEU A 725 -17.67 -4.34 24.94
N LEU A 726 -18.10 -3.21 25.48
CA LEU A 726 -17.20 -2.11 25.81
C LEU A 726 -17.80 -1.34 26.98
N GLU A 727 -17.13 -0.24 27.32
CA GLU A 727 -17.71 0.79 28.16
C GLU A 727 -18.16 2.00 27.34
N SER A 728 -17.42 2.35 26.29
CA SER A 728 -17.78 3.43 25.39
C SER A 728 -18.66 2.89 24.28
N THR A 729 -19.45 3.78 23.67
CA THR A 729 -20.22 3.40 22.49
C THR A 729 -19.47 3.76 21.22
N LEU A 730 -20.04 3.44 20.06
CA LEU A 730 -19.32 3.66 18.82
C LEU A 730 -19.91 4.84 18.05
N ALA A 731 -19.32 5.14 16.89
CA ALA A 731 -19.65 6.37 16.18
C ALA A 731 -20.63 6.12 15.04
N GLU A 732 -21.43 5.04 15.13
CA GLU A 732 -22.58 4.66 14.29
C GLU A 732 -22.27 4.51 12.80
N ASP A 733 -21.01 4.64 12.41
CA ASP A 733 -20.58 4.21 11.08
C ASP A 733 -19.68 2.99 11.20
N VAL A 734 -18.86 2.94 12.25
CA VAL A 734 -18.14 1.72 12.61
C VAL A 734 -19.12 0.65 13.04
N GLY A 735 -20.21 1.06 13.70
CA GLY A 735 -21.19 0.10 14.18
C GLY A 735 -22.11 -0.42 13.10
N LYS A 736 -21.94 0.05 11.86
CA LYS A 736 -22.61 -0.52 10.70
C LYS A 736 -21.55 -0.73 9.63
N VAL A 737 -20.92 -1.90 9.63
CA VAL A 737 -19.86 -2.21 8.68
C VAL A 737 -20.06 -3.64 8.18
N GLU A 738 -19.70 -3.85 6.92
CA GLU A 738 -19.80 -5.14 6.25
C GLU A 738 -18.43 -5.49 5.71
N MET A 739 -17.93 -6.67 6.02
CA MET A 739 -16.62 -7.07 5.51
C MET A 739 -16.64 -8.55 5.15
N ASP A 740 -15.67 -8.93 4.33
CA ASP A 740 -15.57 -10.29 3.80
C ASP A 740 -14.20 -10.86 4.15
N LEU A 741 -14.17 -12.16 4.44
CA LEU A 741 -12.98 -12.81 4.96
C LEU A 741 -12.64 -14.01 4.09
N TYR A 742 -11.37 -14.15 3.73
CA TYR A 742 -10.90 -15.13 2.75
C TYR A 742 -10.17 -16.24 3.50
N LEU A 743 -10.87 -17.34 3.80
CA LEU A 743 -10.29 -18.32 4.71
C LEU A 743 -9.28 -19.22 4.02
N VAL A 744 -9.75 -20.13 3.15
CA VAL A 744 -8.86 -21.01 2.40
C VAL A 744 -9.22 -20.88 0.93
N ARG A 745 -10.44 -21.29 0.60
CA ARG A 745 -11.05 -21.08 -0.69
C ARG A 745 -12.44 -20.48 -0.55
N LYS A 746 -13.14 -20.83 0.52
CA LYS A 746 -14.44 -20.23 0.82
C LYS A 746 -14.28 -18.78 1.21
N LEU A 747 -15.37 -18.03 1.11
CA LEU A 747 -15.40 -16.62 1.46
C LEU A 747 -16.53 -16.40 2.46
N VAL A 748 -16.20 -15.81 3.60
CA VAL A 748 -17.15 -15.62 4.68
C VAL A 748 -17.34 -14.13 4.90
N LYS A 749 -18.59 -13.69 4.91
CA LYS A 749 -18.93 -12.30 5.18
C LYS A 749 -19.06 -12.11 6.69
N ALA A 750 -18.93 -10.86 7.13
CA ALA A 750 -19.10 -10.51 8.53
C ALA A 750 -19.75 -9.14 8.63
N SER A 751 -20.53 -8.94 9.68
CA SER A 751 -21.25 -7.70 9.91
C SER A 751 -21.29 -7.42 11.40
N VAL A 752 -21.82 -6.26 11.78
CA VAL A 752 -21.92 -5.95 13.20
C VAL A 752 -23.36 -5.83 13.69
N SER A 753 -24.11 -4.78 13.26
CA SER A 753 -25.52 -4.54 13.61
C SER A 753 -25.79 -4.54 15.12
N PRO A 754 -25.53 -3.44 15.82
CA PRO A 754 -25.54 -3.43 17.29
C PRO A 754 -26.88 -3.79 17.93
N CYS A 755 -26.82 -4.33 19.15
CA CYS A 755 -28.01 -4.77 19.88
C CYS A 755 -28.01 -4.23 21.32
N GLY A 756 -28.53 -3.01 21.48
CA GLY A 756 -28.97 -2.52 22.78
C GLY A 756 -27.85 -2.29 23.78
N GLN A 757 -28.13 -2.66 25.03
CA GLN A 757 -27.16 -2.65 26.12
C GLN A 757 -27.25 -3.97 26.86
N ILE A 758 -26.48 -4.09 27.95
CA ILE A 758 -26.52 -5.24 28.84
C ILE A 758 -25.92 -4.82 30.17
N ARG A 759 -26.42 -5.42 31.26
CA ARG A 759 -25.98 -5.12 32.62
C ARG A 759 -25.52 -6.42 33.27
N LEU A 760 -24.29 -6.44 33.75
CA LEU A 760 -23.66 -7.65 34.27
C LEU A 760 -23.42 -7.51 35.76
N SER A 761 -23.87 -8.51 36.53
CA SER A 761 -23.61 -8.56 37.95
C SER A 761 -22.17 -8.97 38.23
N GLN A 762 -21.83 -9.09 39.52
CA GLN A 762 -20.45 -9.34 39.90
C GLN A 762 -20.01 -10.77 39.57
N GLU A 763 -20.80 -11.77 39.98
CA GLU A 763 -20.41 -13.16 39.77
C GLU A 763 -20.50 -13.53 38.29
N GLU A 764 -21.42 -12.91 37.56
CA GLU A 764 -21.46 -13.09 36.11
C GLU A 764 -20.28 -12.43 35.43
N LEU A 765 -19.74 -11.36 36.04
CA LEU A 765 -18.55 -10.74 35.49
C LEU A 765 -17.32 -11.58 35.79
N VAL A 766 -17.33 -12.31 36.91
CA VAL A 766 -16.20 -13.18 37.23
C VAL A 766 -16.24 -14.44 36.36
N LYS A 767 -17.44 -14.91 36.02
CA LYS A 767 -17.52 -16.06 35.11
C LYS A 767 -17.13 -15.67 33.68
N ALA A 768 -17.30 -14.40 33.32
CA ALA A 768 -17.04 -13.99 31.95
C ALA A 768 -15.56 -13.83 31.68
N LYS A 769 -14.77 -13.57 32.72
CA LYS A 769 -13.34 -13.32 32.53
C LYS A 769 -12.59 -14.63 32.33
N TYR A 770 -13.01 -15.69 33.02
CA TYR A 770 -12.33 -16.98 32.90
C TYR A 770 -12.57 -17.60 31.54
N PHE A 771 -13.69 -17.25 30.89
CA PHE A 771 -13.95 -17.74 29.54
C PHE A 771 -12.93 -17.21 28.53
N GLN A 772 -12.74 -15.90 28.50
CA GLN A 772 -11.79 -15.31 27.57
C GLN A 772 -10.36 -15.67 27.97
N GLN A 773 -10.08 -15.80 29.26
CA GLN A 773 -8.74 -16.20 29.67
C GLN A 773 -8.49 -17.69 29.44
N PHE A 774 -9.54 -18.46 29.19
CA PHE A 774 -9.36 -19.89 28.96
C PHE A 774 -9.25 -20.20 27.48
N PHE A 775 -10.04 -19.53 26.64
CA PHE A 775 -10.03 -19.87 25.21
C PHE A 775 -8.93 -19.14 24.45
N PHE A 776 -8.71 -17.86 24.71
CA PHE A 776 -7.65 -17.14 24.02
C PHE A 776 -6.26 -17.56 24.54
N ASN A 777 -6.21 -18.26 25.67
CA ASN A 777 -4.95 -18.88 26.08
C ASN A 777 -4.95 -20.36 25.73
N GLY A 778 -6.03 -20.86 25.13
CA GLY A 778 -6.05 -22.25 24.73
C GLY A 778 -5.46 -22.47 23.36
N MET A 779 -5.93 -21.73 22.36
CA MET A 779 -5.43 -21.89 21.01
C MET A 779 -4.24 -20.97 20.74
N PHE A 780 -4.02 -20.00 21.63
CA PHE A 780 -2.99 -18.99 21.42
C PHE A 780 -2.17 -18.86 22.69
N GLY A 781 -1.02 -19.50 22.73
CA GLY A 781 -0.20 -19.47 23.92
C GLY A 781 -0.33 -20.73 24.75
N LYS A 782 0.19 -20.64 25.96
CA LYS A 782 0.17 -21.75 26.90
C LYS A 782 -0.43 -21.28 28.21
N LEU A 783 -1.19 -22.15 28.88
CA LEU A 783 -1.80 -21.84 30.15
C LEU A 783 -1.29 -22.74 31.28
N PHE A 784 -0.20 -23.47 31.06
CA PHE A 784 0.56 -24.11 32.13
C PHE A 784 1.93 -23.45 32.19
N VAL A 785 2.02 -22.33 32.90
CA VAL A 785 3.30 -21.64 33.02
C VAL A 785 4.13 -22.30 34.12
N GLY A 786 5.06 -23.14 33.69
CA GLY A 786 5.97 -23.82 34.58
C GLY A 786 6.91 -24.70 33.78
N SER A 787 8.20 -24.65 34.08
CA SER A 787 9.20 -25.38 33.32
C SER A 787 9.55 -26.67 34.05
N LYS A 788 9.28 -27.81 33.40
CA LYS A 788 9.69 -29.10 33.96
C LYS A 788 11.21 -29.25 33.94
N SER A 789 11.88 -28.57 33.00
CA SER A 789 13.32 -28.71 32.87
C SER A 789 14.07 -27.82 33.86
N GLN A 790 13.60 -26.57 34.04
CA GLN A 790 14.33 -25.62 34.87
C GLN A 790 14.16 -25.95 36.36
N GLY A 791 12.94 -25.88 36.86
CA GLY A 791 12.65 -26.21 38.24
C GLY A 791 11.24 -26.73 38.34
N THR A 792 11.12 -27.92 38.92
CA THR A 792 9.92 -28.75 38.78
C THR A 792 8.76 -28.16 39.59
N LYS A 793 8.11 -27.19 38.96
CA LYS A 793 6.94 -26.52 39.52
C LYS A 793 6.14 -25.93 38.37
N ARG A 794 4.86 -26.28 38.31
CA ARG A 794 4.00 -25.83 37.24
C ARG A 794 2.78 -25.14 37.83
N GLU A 795 2.37 -24.06 37.16
CA GLU A 795 1.22 -23.28 37.59
C GLU A 795 0.09 -23.45 36.60
N PHE A 796 -1.00 -22.74 36.83
CA PHE A 796 -2.18 -22.80 35.98
C PHE A 796 -2.45 -21.48 35.26
N LEU A 797 -1.73 -20.41 35.63
CA LEU A 797 -1.85 -19.08 34.96
C LEU A 797 -3.08 -18.32 35.40
N LEU A 798 -4.03 -19.00 36.01
CA LEU A 798 -5.21 -18.38 36.55
C LEU A 798 -5.23 -18.41 38.07
N GLN A 799 -4.41 -19.26 38.69
CA GLN A 799 -4.15 -19.14 40.11
C GLN A 799 -3.26 -17.94 40.40
N THR A 800 -2.33 -17.66 39.50
CA THR A 800 -1.29 -16.67 39.77
C THR A 800 -1.82 -15.25 39.62
N ASP A 801 -0.91 -14.29 39.75
CA ASP A 801 -1.30 -12.89 39.74
C ASP A 801 -1.50 -12.39 38.31
N THR A 802 -2.76 -12.30 37.92
CA THR A 802 -3.17 -11.78 36.59
C THR A 802 -3.52 -10.29 36.73
N SER A 803 -4.09 -9.74 35.65
CA SER A 803 -4.57 -8.34 35.42
C SER A 803 -3.44 -7.44 34.91
N SER A 804 -2.18 -7.90 35.01
CA SER A 804 -1.01 -7.18 34.45
C SER A 804 -1.14 -7.26 32.93
N LEU A 805 -1.59 -8.43 32.44
CA LEU A 805 -1.79 -8.72 31.00
C LEU A 805 -2.87 -7.79 30.42
N TRP A 806 -3.91 -7.50 31.20
CA TRP A 806 -5.00 -6.63 30.69
C TRP A 806 -4.44 -5.26 30.32
N HIS A 807 -3.57 -4.69 31.17
CA HIS A 807 -2.90 -3.39 30.90
C HIS A 807 -3.93 -2.36 30.42
N PRO A 808 -4.87 -1.90 31.33
CA PRO A 808 -5.88 -0.87 31.00
C PRO A 808 -5.74 0.12 29.85
N ALA A 809 -5.69 -0.33 28.61
CA ALA A 809 -5.71 0.54 27.42
C ALA A 809 -6.54 -0.17 26.34
N PHE A 810 -6.67 -1.49 26.48
CA PHE A 810 -7.45 -2.41 25.61
C PHE A 810 -8.41 -3.17 26.52
N MET A 811 -9.70 -3.19 26.20
CA MET A 811 -10.71 -3.91 27.03
C MET A 811 -11.80 -4.45 26.11
N PHE A 812 -12.16 -5.74 26.20
CA PHE A 812 -13.18 -6.19 25.27
C PHE A 812 -14.27 -7.05 25.91
N LEU A 813 -13.88 -8.19 26.50
CA LEU A 813 -14.81 -9.24 26.96
C LEU A 813 -15.75 -9.72 25.85
N LEU A 814 -15.19 -10.38 24.85
CA LEU A 814 -16.04 -11.00 23.82
C LEU A 814 -16.77 -12.20 24.38
N LEU A 815 -18.06 -12.29 24.08
CA LEU A 815 -18.91 -13.33 24.63
C LEU A 815 -19.67 -14.05 23.53
N PRO A 816 -19.90 -15.36 23.67
CA PRO A 816 -20.64 -16.09 22.63
C PRO A 816 -22.13 -15.80 22.71
N VAL A 817 -22.84 -15.99 21.60
CA VAL A 817 -24.28 -15.75 21.51
C VAL A 817 -24.94 -16.97 20.92
N GLU A 818 -25.99 -17.45 21.56
CA GLU A 818 -26.81 -18.49 20.95
C GLU A 818 -27.55 -17.93 19.73
N THR A 819 -27.30 -18.54 18.58
CA THR A 819 -27.80 -17.98 17.33
C THR A 819 -29.24 -18.40 17.06
N ASN A 820 -29.82 -19.21 17.92
CA ASN A 820 -31.23 -19.57 17.80
C ASN A 820 -32.10 -18.35 18.09
N ASP A 821 -32.83 -17.90 17.09
CA ASP A 821 -33.61 -16.67 17.19
C ASP A 821 -35.03 -16.90 16.67
N LEU A 822 -36.01 -16.45 17.45
CA LEU A 822 -37.37 -16.34 16.92
C LEU A 822 -37.53 -15.04 16.15
N ALA A 823 -37.28 -13.91 16.80
CA ALA A 823 -37.16 -12.62 16.13
C ALA A 823 -35.78 -12.03 16.39
N SER A 824 -35.32 -12.10 17.65
CA SER A 824 -34.04 -11.55 18.05
C SER A 824 -33.41 -12.45 19.10
N SER A 825 -32.09 -12.60 19.02
CA SER A 825 -31.35 -13.41 19.99
C SER A 825 -30.24 -12.55 20.63
N ALA A 826 -30.57 -12.03 21.82
CA ALA A 826 -29.59 -11.26 22.57
C ALA A 826 -28.98 -12.10 23.70
N THR A 827 -29.17 -13.42 23.65
CA THR A 827 -28.69 -14.30 24.70
C THR A 827 -27.17 -14.40 24.66
N ILE A 828 -26.59 -14.79 25.80
CA ILE A 828 -25.15 -14.88 25.95
C ILE A 828 -24.70 -16.34 26.07
N ASP A 829 -25.64 -17.28 25.96
CA ASP A 829 -25.41 -18.73 26.03
C ASP A 829 -24.70 -19.11 27.33
N TRP A 830 -25.43 -18.96 28.44
CA TRP A 830 -24.80 -19.03 29.76
C TRP A 830 -24.41 -20.44 30.14
N SER A 831 -24.97 -21.46 29.46
CA SER A 831 -24.54 -22.83 29.71
C SER A 831 -23.08 -23.03 29.31
N ALA A 832 -22.66 -22.36 28.22
CA ALA A 832 -21.27 -22.40 27.79
C ALA A 832 -20.34 -21.76 28.82
N ILE A 833 -20.74 -20.61 29.35
CA ILE A 833 -19.92 -19.89 30.32
C ILE A 833 -19.83 -20.66 31.63
N ASN A 834 -20.94 -21.28 32.05
CA ASN A 834 -20.92 -22.10 33.27
C ASN A 834 -20.08 -23.35 33.10
N SER A 835 -20.11 -23.97 31.92
CA SER A 835 -19.27 -25.14 31.69
C SER A 835 -17.79 -24.77 31.65
N CYS A 836 -17.46 -23.64 31.04
CA CYS A 836 -16.07 -23.18 30.99
C CYS A 836 -15.56 -22.81 32.38
N ALA A 837 -16.37 -22.12 33.18
CA ALA A 837 -15.96 -21.78 34.54
C ALA A 837 -15.89 -23.01 35.43
N SER A 838 -16.73 -24.02 35.16
CA SER A 838 -16.67 -25.26 35.92
C SER A 838 -15.40 -26.04 35.63
N ILE A 839 -14.98 -26.10 34.37
CA ILE A 839 -13.74 -26.82 34.08
C ILE A 839 -12.54 -26.01 34.54
N VAL A 840 -12.67 -24.68 34.60
CA VAL A 840 -11.61 -23.84 35.17
C VAL A 840 -11.43 -24.12 36.65
N GLU A 841 -12.53 -24.14 37.42
CA GLU A 841 -12.40 -24.39 38.86
C GLU A 841 -12.04 -25.85 39.15
N PHE A 842 -12.39 -26.77 38.24
CA PHE A 842 -11.91 -28.14 38.36
C PHE A 842 -10.40 -28.21 38.20
N LEU A 843 -9.83 -27.48 37.24
CA LEU A 843 -8.38 -27.48 37.11
C LEU A 843 -7.71 -26.59 38.16
N LYS A 844 -8.49 -25.72 38.80
CA LYS A 844 -8.02 -25.05 40.01
C LYS A 844 -7.79 -26.07 41.13
N LYS A 845 -8.80 -26.91 41.38
CA LYS A 845 -8.63 -27.95 42.40
C LYS A 845 -7.67 -29.04 41.93
N ASN A 846 -7.93 -29.61 40.75
CA ASN A 846 -7.18 -30.72 40.14
C ASN A 846 -7.10 -31.92 41.07
N ASN A 877 -22.33 -48.74 28.72
CA ASN A 877 -21.19 -49.63 28.94
C ASN A 877 -19.98 -48.88 29.50
N LEU A 878 -18.79 -49.38 29.16
CA LEU A 878 -17.57 -48.84 29.75
C LEU A 878 -17.17 -47.53 29.08
N ILE A 879 -17.30 -46.44 29.83
CA ILE A 879 -16.89 -45.11 29.40
C ILE A 879 -16.27 -44.38 30.59
N HIS A 880 -15.26 -43.56 30.34
CA HIS A 880 -14.53 -42.83 31.37
C HIS A 880 -13.75 -41.67 30.76
N PHE A 881 -14.15 -40.45 31.13
CA PHE A 881 -13.30 -39.27 31.01
C PHE A 881 -12.79 -38.87 32.39
N ALA A 882 -12.13 -37.73 32.47
CA ALA A 882 -12.11 -37.00 33.73
C ALA A 882 -13.40 -36.21 33.86
N ASN A 883 -13.89 -36.13 35.10
CA ASN A 883 -15.08 -35.33 35.50
C ASN A 883 -16.37 -35.82 34.81
N ALA A 884 -16.31 -36.26 33.56
CA ALA A 884 -17.54 -36.70 32.87
C ALA A 884 -17.41 -38.13 32.34
N SER A 885 -18.37 -38.99 32.71
CA SER A 885 -18.40 -40.39 32.21
C SER A 885 -18.65 -40.37 30.69
N SER A 886 -19.54 -39.45 30.27
CA SER A 886 -19.96 -39.19 28.87
C SER A 886 -20.87 -40.31 28.33
N ASP A 887 -21.09 -40.33 27.02
CA ASP A 887 -21.94 -41.37 26.38
C ASP A 887 -21.11 -42.17 25.38
N LYS A 888 -21.10 -43.50 25.51
CA LYS A 888 -20.33 -44.38 24.59
C LYS A 888 -20.91 -44.28 23.17
N ASN A 889 -22.24 -44.14 23.06
CA ASN A 889 -22.98 -44.06 21.77
C ASN A 889 -22.29 -43.16 20.75
N SER A 890 -22.35 -41.83 20.92
CA SER A 890 -21.73 -40.92 19.93
C SER A 890 -20.85 -39.85 20.60
N LEU A 891 -19.60 -39.72 20.19
CA LEU A 891 -18.69 -38.75 20.81
C LEU A 891 -18.10 -37.81 19.76
N GLU A 892 -18.72 -37.78 18.58
CA GLU A 892 -18.23 -36.92 17.52
C GLU A 892 -18.46 -35.44 17.81
N GLU A 893 -17.58 -34.58 17.29
CA GLU A 893 -17.72 -33.13 17.48
C GLU A 893 -17.78 -32.71 18.94
N LEU A 894 -17.00 -33.36 19.80
CA LEU A 894 -16.95 -32.96 21.21
C LEU A 894 -15.66 -32.18 21.38
N VAL A 895 -15.51 -31.51 22.52
CA VAL A 895 -14.33 -30.67 22.71
C VAL A 895 -13.76 -30.93 24.11
N VAL A 896 -12.46 -31.17 24.18
CA VAL A 896 -11.80 -31.65 25.39
C VAL A 896 -10.65 -30.73 25.76
N ILE A 897 -10.05 -31.00 26.93
CA ILE A 897 -8.76 -30.43 27.31
C ILE A 897 -7.87 -31.58 27.74
N ALA A 898 -6.57 -31.43 27.56
CA ALA A 898 -5.64 -32.34 28.21
C ALA A 898 -5.25 -31.79 29.58
N ILE A 899 -4.91 -32.69 30.49
CA ILE A 899 -4.56 -32.31 31.85
C ILE A 899 -3.05 -32.35 32.08
N HIS A 900 -2.35 -33.24 31.40
CA HIS A 900 -0.90 -33.34 31.59
C HIS A 900 -0.18 -32.24 30.81
N THR A 901 -0.80 -31.73 29.76
CA THR A 901 -0.34 -30.53 29.08
C THR A 901 -1.49 -29.55 28.99
N GLY A 902 -1.26 -28.44 28.29
CA GLY A 902 -2.34 -27.50 28.03
C GLY A 902 -3.05 -27.88 26.76
N ARG A 903 -2.97 -26.99 25.77
CA ARG A 903 -3.49 -27.21 24.39
C ARG A 903 -4.85 -27.92 24.36
N ILE A 904 -5.93 -27.17 24.58
CA ILE A 904 -7.30 -27.66 24.48
C ILE A 904 -7.56 -28.14 23.06
N TYR A 905 -8.22 -29.28 22.92
CA TYR A 905 -8.30 -29.88 21.61
C TYR A 905 -9.68 -29.69 20.99
N SER A 906 -9.70 -29.78 19.67
CA SER A 906 -10.89 -29.67 18.84
C SER A 906 -11.54 -31.03 18.75
N ILE A 907 -12.18 -31.25 17.61
CA ILE A 907 -13.13 -32.32 17.34
C ILE A 907 -12.51 -33.69 17.60
N VAL A 908 -12.95 -34.36 18.64
CA VAL A 908 -12.67 -35.78 18.79
C VAL A 908 -13.66 -36.58 17.96
N GLU A 909 -13.14 -37.56 17.22
CA GLU A 909 -14.00 -38.49 16.49
C GLU A 909 -13.31 -39.83 16.41
N ALA A 910 -14.03 -40.79 15.82
CA ALA A 910 -13.49 -42.09 15.37
C ALA A 910 -12.87 -42.88 16.52
N VAL A 911 -13.71 -43.33 17.44
CA VAL A 911 -13.26 -44.25 18.47
C VAL A 911 -12.85 -45.57 17.82
N SER A 912 -11.55 -45.80 17.77
CA SER A 912 -11.01 -46.88 16.96
C SER A 912 -10.76 -48.12 17.81
N ASP A 913 -10.69 -49.27 17.14
CA ASP A 913 -10.42 -50.54 17.81
C ASP A 913 -8.93 -50.62 18.14
N SER A 914 -8.58 -49.95 19.24
CA SER A 914 -7.20 -49.87 19.71
C SER A 914 -7.19 -49.69 21.22
N SER A 915 -6.24 -50.34 21.86
CA SER A 915 -6.09 -50.21 23.31
C SER A 915 -5.12 -49.08 23.63
N ALA A 916 -4.94 -48.84 24.94
CA ALA A 916 -3.84 -48.00 25.37
C ALA A 916 -2.51 -48.70 25.14
N MET A 917 -2.51 -50.02 25.23
CA MET A 917 -1.36 -50.83 24.84
C MET A 917 -1.47 -51.15 23.35
N SER A 918 -1.07 -50.19 22.52
CA SER A 918 -1.16 -50.31 21.07
C SER A 918 0.13 -49.77 20.48
N PRO A 919 0.59 -50.30 19.34
CA PRO A 919 1.93 -49.98 18.85
C PRO A 919 2.09 -48.52 18.44
N PHE A 920 3.06 -47.86 19.06
CA PHE A 920 3.41 -46.48 18.76
C PHE A 920 4.08 -46.43 17.40
N GLU A 921 3.86 -45.35 16.68
CA GLU A 921 4.46 -45.20 15.34
C GLU A 921 4.66 -43.72 15.03
N GLY A 927 10.67 -44.61 18.99
CA GLY A 927 11.44 -45.54 19.81
C GLY A 927 10.71 -45.99 21.05
N TYR A 928 9.39 -46.06 20.96
CA TYR A 928 8.53 -46.47 22.07
C TYR A 928 7.64 -47.60 21.60
N ALA A 929 7.30 -48.52 22.50
CA ALA A 929 6.44 -49.63 22.11
C ALA A 929 4.98 -49.23 22.11
N THR A 930 4.44 -48.84 23.26
CA THR A 930 3.03 -48.52 23.37
C THR A 930 2.86 -47.12 23.94
N TYR A 931 1.61 -46.68 23.99
CA TYR A 931 1.28 -45.39 24.59
C TYR A 931 1.53 -45.41 26.09
N ALA A 932 1.33 -46.56 26.73
CA ALA A 932 1.40 -46.65 28.19
C ALA A 932 2.81 -46.41 28.69
N GLU A 933 3.82 -46.97 28.01
CA GLU A 933 5.19 -46.71 28.43
C GLU A 933 5.62 -45.31 28.01
N TYR A 934 4.95 -44.72 27.02
CA TYR A 934 5.26 -43.35 26.61
C TYR A 934 4.82 -42.36 27.67
N PHE A 935 3.62 -42.54 28.21
CA PHE A 935 3.18 -41.66 29.30
C PHE A 935 3.80 -42.08 30.63
N ASN A 936 4.29 -43.31 30.70
CA ASN A 936 5.06 -43.73 31.89
C ASN A 936 6.42 -43.05 31.91
N LYS A 937 7.04 -42.90 30.74
CA LYS A 937 8.39 -42.34 30.68
C LYS A 937 8.38 -40.81 30.63
N LYS A 938 7.63 -40.24 29.68
CA LYS A 938 7.79 -38.82 29.36
C LYS A 938 7.18 -37.93 30.42
N TYR A 939 6.19 -38.43 31.15
CA TYR A 939 5.53 -37.63 32.17
C TYR A 939 5.48 -38.30 33.54
N GLY A 940 5.80 -39.59 33.62
CA GLY A 940 5.72 -40.28 34.89
C GLY A 940 4.30 -40.52 35.35
N ILE A 941 3.38 -40.70 34.39
CA ILE A 941 1.97 -40.89 34.69
C ILE A 941 1.57 -42.28 34.22
N VAL A 942 1.05 -43.08 35.14
CA VAL A 942 0.50 -44.39 34.81
C VAL A 942 -0.96 -44.19 34.43
N LEU A 943 -1.44 -45.02 33.50
CA LEU A 943 -2.83 -44.93 33.08
C LEU A 943 -3.72 -45.72 34.03
N ALA A 944 -4.79 -45.07 34.51
CA ALA A 944 -5.67 -45.71 35.49
C ALA A 944 -6.50 -46.84 34.87
N HIS A 945 -6.75 -46.78 33.57
CA HIS A 945 -7.55 -47.80 32.93
C HIS A 945 -6.78 -48.42 31.75
N PRO A 946 -7.03 -49.69 31.43
CA PRO A 946 -6.41 -50.28 30.24
C PRO A 946 -6.89 -49.69 28.93
N ASN A 947 -8.05 -49.02 28.93
CA ASN A 947 -8.52 -48.14 27.87
C ASN A 947 -8.71 -48.87 26.54
N GLN A 948 -9.63 -49.82 26.55
CA GLN A 948 -10.08 -50.43 25.30
C GLN A 948 -10.63 -49.45 24.25
N PRO A 949 -11.25 -48.31 24.59
CA PRO A 949 -11.39 -47.26 23.59
C PRO A 949 -10.20 -46.30 23.59
N LEU A 950 -10.11 -45.51 22.53
CA LEU A 950 -8.99 -44.62 22.32
C LEU A 950 -9.44 -43.50 21.38
N MET A 951 -8.98 -42.29 21.67
CA MET A 951 -9.46 -41.09 20.98
C MET A 951 -8.41 -40.61 19.99
N LYS A 952 -8.85 -40.30 18.77
CA LYS A 952 -8.05 -39.52 17.86
C LYS A 952 -8.75 -38.19 17.64
N LEU A 953 -7.97 -37.14 17.41
CA LEU A 953 -8.51 -35.79 17.48
C LEU A 953 -7.70 -34.84 16.64
N LYS A 954 -8.34 -33.74 16.26
CA LYS A 954 -7.74 -32.70 15.42
C LYS A 954 -7.23 -31.59 16.33
N GLN A 955 -5.97 -31.22 16.16
CA GLN A 955 -5.38 -30.23 17.05
C GLN A 955 -5.36 -28.85 16.41
N SER A 956 -5.08 -27.85 17.24
CA SER A 956 -5.41 -26.46 16.95
C SER A 956 -4.18 -25.68 16.48
N HIS A 957 -4.34 -24.95 15.38
CA HIS A 957 -3.31 -24.12 14.78
C HIS A 957 -3.39 -22.69 15.29
N HIS A 958 -2.72 -21.78 14.58
CA HIS A 958 -2.71 -20.39 14.97
C HIS A 958 -3.45 -19.53 13.94
N ALA A 959 -3.49 -18.22 14.19
CA ALA A 959 -4.21 -17.30 13.32
C ALA A 959 -3.40 -17.00 12.06
N HIS A 960 -4.10 -16.78 10.94
CA HIS A 960 -3.46 -16.84 9.63
C HIS A 960 -3.60 -15.58 8.79
N ASN A 961 -4.03 -14.45 9.37
CA ASN A 961 -4.31 -13.19 8.65
C ASN A 961 -5.31 -13.42 7.51
N LEU A 962 -6.52 -13.82 7.89
CA LEU A 962 -7.59 -14.14 6.94
C LEU A 962 -8.41 -12.87 6.66
N LEU A 963 -7.74 -11.89 6.09
CA LEU A 963 -8.36 -10.60 5.85
C LEU A 963 -8.14 -10.07 4.44
N VAL A 964 -7.05 -10.45 3.77
CA VAL A 964 -6.75 -10.03 2.41
C VAL A 964 -6.43 -11.28 1.59
N ASP A 965 -7.06 -11.42 0.42
CA ASP A 965 -6.85 -12.57 -0.45
C ASP A 965 -5.48 -12.49 -1.12
N PHE A 966 -4.50 -13.15 -0.50
CA PHE A 966 -3.14 -13.09 -1.01
C PHE A 966 -2.97 -13.97 -2.24
N ASN A 967 -3.45 -15.21 -2.18
CA ASN A 967 -3.14 -16.18 -3.21
C ASN A 967 -4.34 -16.94 -3.77
N GLU A 968 -5.54 -16.76 -3.22
CA GLU A 968 -6.69 -17.49 -3.76
C GLU A 968 -7.10 -16.92 -5.12
N GLU A 969 -7.29 -15.61 -5.21
CA GLU A 969 -7.46 -14.94 -6.49
C GLU A 969 -6.21 -14.18 -6.92
N MET A 970 -5.04 -14.61 -6.44
CA MET A 970 -3.72 -14.16 -6.89
C MET A 970 -3.48 -12.65 -6.77
N VAL A 981 0.45 -21.48 -5.89
CA VAL A 981 -0.69 -22.34 -5.66
C VAL A 981 -0.59 -22.96 -4.26
N ARG A 982 -1.72 -23.06 -3.57
CA ARG A 982 -1.81 -23.70 -2.26
C ARG A 982 -2.26 -25.15 -2.42
N LYS A 983 -1.29 -26.06 -2.41
CA LYS A 983 -1.56 -27.49 -2.47
C LYS A 983 -1.83 -27.99 -1.06
N ARG A 984 -3.11 -28.19 -0.73
CA ARG A 984 -3.49 -28.49 0.64
C ARG A 984 -3.09 -29.91 1.01
N LYS A 985 -2.80 -30.10 2.29
CA LYS A 985 -2.29 -31.34 2.84
C LYS A 985 -3.33 -31.96 3.75
N PRO A 986 -3.31 -33.29 3.93
CA PRO A 986 -4.25 -33.91 4.87
C PRO A 986 -3.92 -33.54 6.30
N ASN A 987 -4.92 -33.65 7.16
CA ASN A 987 -4.82 -33.12 8.52
C ASN A 987 -4.07 -34.09 9.43
N ILE A 988 -3.07 -33.55 10.13
CA ILE A 988 -2.24 -34.33 11.03
C ILE A 988 -3.00 -34.53 12.32
N HIS A 989 -3.28 -35.79 12.65
CA HIS A 989 -4.06 -36.11 13.83
C HIS A 989 -3.14 -36.34 15.03
N ALA A 990 -3.75 -36.55 16.19
CA ALA A 990 -3.05 -36.89 17.42
C ALA A 990 -3.91 -37.86 18.21
N HIS A 991 -3.27 -38.59 19.12
CA HIS A 991 -3.97 -39.60 19.91
C HIS A 991 -3.69 -39.38 21.39
N LEU A 992 -4.72 -39.54 22.21
CA LEU A 992 -4.58 -39.48 23.66
C LEU A 992 -5.57 -40.45 24.28
N PRO A 993 -5.22 -41.06 25.41
CA PRO A 993 -6.18 -41.84 26.17
C PRO A 993 -7.27 -40.96 26.75
N PRO A 994 -8.49 -41.47 26.91
CA PRO A 994 -9.61 -40.60 27.31
C PRO A 994 -9.56 -40.18 28.77
N GLU A 995 -8.81 -40.88 29.61
CA GLU A 995 -8.75 -40.52 31.02
C GLU A 995 -7.71 -39.45 31.28
N LEU A 996 -7.01 -39.01 30.23
CA LEU A 996 -6.24 -37.78 30.33
C LEU A 996 -7.04 -36.58 29.84
N LEU A 997 -8.31 -36.81 29.50
CA LEU A 997 -9.14 -35.78 28.91
C LEU A 997 -10.26 -35.37 29.86
N ALA A 998 -10.43 -34.06 30.03
CA ALA A 998 -11.53 -33.49 30.78
C ALA A 998 -12.48 -32.79 29.83
N ARG A 999 -13.77 -32.99 30.02
CA ARG A 999 -14.80 -32.64 29.04
C ARG A 999 -15.30 -31.23 29.26
N ILE A 1000 -15.48 -30.49 28.17
CA ILE A 1000 -16.17 -29.21 28.18
C ILE A 1000 -17.52 -29.39 27.49
N ASP A 1001 -18.56 -28.78 28.06
CA ASP A 1001 -19.88 -28.83 27.46
C ASP A 1001 -20.14 -27.63 26.53
N VAL A 1002 -19.10 -27.12 25.87
CA VAL A 1002 -19.29 -25.98 24.97
C VAL A 1002 -19.49 -26.52 23.55
N PRO A 1003 -20.19 -25.83 22.65
CA PRO A 1003 -20.31 -26.33 21.28
C PRO A 1003 -19.01 -26.25 20.50
N ARG A 1004 -19.06 -26.76 19.26
CA ARG A 1004 -17.86 -26.82 18.44
C ARG A 1004 -17.75 -25.61 17.53
N ALA A 1005 -18.89 -25.01 17.17
CA ALA A 1005 -18.86 -23.84 16.29
C ALA A 1005 -18.27 -22.63 17.00
N VAL A 1006 -18.37 -22.59 18.32
CA VAL A 1006 -17.74 -21.50 19.07
C VAL A 1006 -16.23 -21.71 19.14
N LEU A 1007 -15.78 -22.94 18.88
CA LEU A 1007 -14.34 -23.19 18.78
C LEU A 1007 -13.84 -22.90 17.38
N LYS A 1008 -14.67 -23.17 16.37
CA LYS A 1008 -14.30 -22.83 15.00
C LYS A 1008 -14.40 -21.34 14.74
N SER A 1009 -15.10 -20.60 15.60
CA SER A 1009 -15.30 -19.19 15.33
C SER A 1009 -14.32 -18.30 16.06
N ILE A 1010 -13.39 -18.88 16.84
CA ILE A 1010 -12.36 -18.06 17.49
C ILE A 1010 -11.40 -17.51 16.45
N TYR A 1011 -11.15 -18.28 15.39
CA TYR A 1011 -10.13 -17.93 14.41
C TYR A 1011 -10.55 -16.73 13.58
N LEU A 1012 -11.83 -16.40 13.60
CA LEU A 1012 -12.35 -15.31 12.78
C LEU A 1012 -12.25 -13.98 13.52
N LEU A 1013 -11.97 -14.02 14.82
CA LEU A 1013 -12.01 -12.80 15.63
C LEU A 1013 -10.75 -11.92 15.54
N PRO A 1014 -9.51 -12.43 15.57
CA PRO A 1014 -8.38 -11.50 15.39
C PRO A 1014 -8.17 -11.01 13.96
N SER A 1015 -9.06 -11.37 13.04
CA SER A 1015 -9.03 -10.72 11.73
C SER A 1015 -10.09 -9.64 11.64
N VAL A 1016 -11.22 -9.81 12.33
CA VAL A 1016 -12.27 -8.80 12.26
C VAL A 1016 -11.97 -7.65 13.22
N MET A 1017 -11.29 -7.92 14.34
CA MET A 1017 -11.08 -6.83 15.29
C MET A 1017 -9.94 -5.92 14.89
N HIS A 1018 -9.12 -6.32 13.92
CA HIS A 1018 -8.14 -5.37 13.42
C HIS A 1018 -8.79 -4.39 12.44
N ARG A 1019 -9.77 -4.84 11.66
CA ARG A 1019 -10.60 -3.89 10.92
C ARG A 1019 -11.37 -2.98 11.85
N LEU A 1020 -11.98 -3.55 12.89
CA LEU A 1020 -12.85 -2.78 13.77
C LEU A 1020 -12.02 -1.85 14.64
N GLU A 1021 -10.74 -2.16 14.84
CA GLU A 1021 -9.82 -1.29 15.55
C GLU A 1021 -9.28 -0.21 14.62
N SER A 1022 -9.05 -0.55 13.35
CA SER A 1022 -8.52 0.45 12.43
C SER A 1022 -9.59 1.39 11.94
N LEU A 1023 -10.86 1.07 12.18
CA LEU A 1023 -11.93 2.01 11.85
C LEU A 1023 -12.21 2.96 13.00
N MET A 1024 -11.81 2.59 14.21
CA MET A 1024 -11.94 3.52 15.33
C MET A 1024 -10.91 4.63 15.24
N LEU A 1025 -9.71 4.32 14.74
CA LEU A 1025 -8.72 5.36 14.53
C LEU A 1025 -9.06 6.19 13.30
N ALA A 1026 -9.91 5.66 12.43
CA ALA A 1026 -10.42 6.48 11.34
C ALA A 1026 -11.44 7.49 11.86
N SER A 1027 -12.37 7.04 12.70
CA SER A 1027 -13.41 7.93 13.17
C SER A 1027 -12.90 8.88 14.24
N GLN A 1028 -11.77 8.56 14.87
CA GLN A 1028 -11.20 9.47 15.84
C GLN A 1028 -10.54 10.66 15.16
N LEU A 1029 -9.92 10.43 14.01
CA LEU A 1029 -9.36 11.54 13.25
C LEU A 1029 -10.46 12.37 12.59
N ARG A 1030 -11.58 11.73 12.24
CA ARG A 1030 -12.64 12.43 11.53
C ARG A 1030 -13.35 13.42 12.46
N GLU A 1031 -13.41 13.09 13.75
CA GLU A 1031 -14.03 14.00 14.71
C GLU A 1031 -13.01 14.98 15.28
N GLU A 1032 -11.77 14.93 14.78
CA GLU A 1032 -10.73 15.79 15.33
C GLU A 1032 -10.48 16.99 14.42
N ILE A 1033 -10.75 16.86 13.12
CA ILE A 1033 -10.67 18.02 12.24
C ILE A 1033 -11.86 18.94 12.46
N ASP A 1034 -13.07 18.39 12.46
CA ASP A 1034 -14.24 19.20 12.19
C ASP A 1034 -14.72 19.92 13.45
N CYS A 1035 -15.09 21.19 13.26
CA CYS A 1035 -15.87 21.94 14.24
C CYS A 1035 -17.26 22.25 13.71
N SER A 1036 -17.42 22.36 12.39
CA SER A 1036 -18.71 22.67 11.75
C SER A 1036 -18.72 22.05 10.35
N ILE A 1037 -19.49 20.98 10.18
CA ILE A 1037 -19.68 20.39 8.85
C ILE A 1037 -20.53 21.34 8.00
N ASP A 1038 -20.12 21.52 6.75
CA ASP A 1038 -20.98 22.24 5.82
C ASP A 1038 -22.13 21.35 5.36
N ASN A 1039 -21.79 20.32 4.58
CA ASN A 1039 -22.66 19.16 4.38
C ASN A 1039 -21.76 17.93 4.28
N PHE A 1040 -20.46 18.12 4.43
CA PHE A 1040 -19.53 17.02 4.22
C PHE A 1040 -19.55 16.06 5.40
N SER A 1041 -19.92 14.83 5.10
CA SER A 1041 -19.97 13.74 6.07
C SER A 1041 -19.47 12.49 5.35
N ILE A 1042 -18.16 12.24 5.45
CA ILE A 1042 -17.57 11.22 4.60
C ILE A 1042 -17.55 9.90 5.35
N SER A 1043 -17.38 8.82 4.62
CA SER A 1043 -17.37 7.49 5.22
C SER A 1043 -16.08 7.27 5.99
N SER A 1044 -16.17 6.47 7.05
CA SER A 1044 -14.98 6.18 7.85
C SER A 1044 -14.09 5.17 7.16
N THR A 1045 -14.60 4.49 6.12
CA THR A 1045 -13.78 3.56 5.37
C THR A 1045 -12.95 4.27 4.30
N SER A 1046 -13.13 5.59 4.17
CA SER A 1046 -12.32 6.34 3.23
C SER A 1046 -11.23 7.13 3.93
N ILE A 1047 -11.39 7.38 5.23
CA ILE A 1047 -10.28 7.86 6.04
C ILE A 1047 -9.25 6.74 6.23
N LEU A 1048 -9.72 5.49 6.28
CA LEU A 1048 -8.84 4.37 6.56
C LEU A 1048 -7.85 4.13 5.44
N GLU A 1049 -8.32 4.11 4.18
CA GLU A 1049 -7.37 3.94 3.08
C GLU A 1049 -7.01 5.28 2.46
N ALA A 1050 -7.00 6.34 3.27
CA ALA A 1050 -6.31 7.56 2.89
C ALA A 1050 -5.01 7.70 3.67
N VAL A 1051 -4.80 6.85 4.67
CA VAL A 1051 -3.59 6.98 5.49
C VAL A 1051 -2.66 5.80 5.32
N THR A 1052 -3.19 4.61 4.99
CA THR A 1052 -2.34 3.42 4.94
C THR A 1052 -1.44 3.43 3.71
N THR A 1053 -0.14 3.52 3.97
CA THR A 1053 0.85 3.62 2.90
C THR A 1053 1.06 2.28 2.21
N LEU A 1054 1.94 2.29 1.21
CA LEU A 1054 1.95 1.20 0.24
C LEU A 1054 2.71 -0.01 0.76
N THR A 1055 3.43 0.13 1.88
CA THR A 1055 4.13 -1.02 2.44
C THR A 1055 3.15 -1.98 3.11
N CYS A 1056 2.01 -1.48 3.56
CA CYS A 1056 0.99 -2.35 4.12
C CYS A 1056 0.26 -3.06 2.98
N PRO A 1057 0.24 -4.39 2.97
CA PRO A 1057 -0.48 -5.11 1.91
C PRO A 1057 -1.98 -5.04 2.08
N GLU A 1058 -2.64 -4.24 1.23
CA GLU A 1058 -4.08 -4.14 1.26
C GLU A 1058 -4.52 -3.72 -0.15
N SER A 1059 -5.84 -3.53 -0.33
CA SER A 1059 -6.38 -3.23 -1.64
C SER A 1059 -5.96 -1.85 -2.15
N PHE A 1060 -6.36 -0.78 -1.47
CA PHE A 1060 -6.07 0.57 -1.92
C PHE A 1060 -5.19 1.24 -0.87
N SER A 1061 -4.18 1.99 -1.34
CA SER A 1061 -3.09 2.37 -0.45
C SER A 1061 -2.63 3.80 -0.66
N MET A 1062 -3.56 4.75 -0.73
CA MET A 1062 -3.44 6.22 -0.61
C MET A 1062 -2.51 6.93 -1.60
N GLU A 1063 -1.98 6.28 -2.63
CA GLU A 1063 -1.22 7.05 -3.61
C GLU A 1063 -2.15 7.70 -4.62
N ARG A 1064 -3.29 7.06 -4.87
CA ARG A 1064 -4.21 7.51 -5.89
C ARG A 1064 -4.95 8.77 -5.43
N LEU A 1065 -5.27 8.83 -4.13
CA LEU A 1065 -5.80 10.07 -3.56
C LEU A 1065 -4.74 11.17 -3.57
N GLU A 1066 -3.46 10.77 -3.41
CA GLU A 1066 -2.39 11.74 -3.24
C GLU A 1066 -2.12 12.49 -4.54
N LEU A 1067 -2.23 11.81 -5.67
CA LEU A 1067 -2.03 12.49 -6.96
C LEU A 1067 -3.12 13.55 -7.20
N LEU A 1068 -4.32 13.32 -6.68
CA LEU A 1068 -5.37 14.32 -6.79
C LEU A 1068 -5.17 15.46 -5.79
N GLY A 1069 -4.79 15.12 -4.57
CA GLY A 1069 -4.70 16.12 -3.51
C GLY A 1069 -3.57 17.10 -3.72
N ASP A 1070 -2.48 16.65 -4.34
CA ASP A 1070 -1.39 17.58 -4.67
C ASP A 1070 -1.84 18.65 -5.65
N SER A 1071 -2.66 18.28 -6.63
CA SER A 1071 -3.12 19.24 -7.61
C SER A 1071 -4.17 20.17 -7.03
N VAL A 1072 -5.02 19.65 -6.12
CA VAL A 1072 -5.95 20.51 -5.39
C VAL A 1072 -5.19 21.58 -4.61
N LEU A 1073 -4.13 21.16 -3.92
CA LEU A 1073 -3.36 22.09 -3.10
C LEU A 1073 -2.62 23.11 -3.97
N LYS A 1074 -2.13 22.66 -5.14
CA LYS A 1074 -1.45 23.57 -6.06
C LYS A 1074 -2.40 24.60 -6.64
N TYR A 1075 -3.62 24.18 -7.01
CA TYR A 1075 -4.64 25.11 -7.51
C TYR A 1075 -5.03 26.15 -6.48
N VAL A 1076 -5.30 25.72 -5.25
CA VAL A 1076 -5.75 26.64 -4.20
C VAL A 1076 -4.64 27.62 -3.85
N ALA A 1077 -3.39 27.13 -3.77
CA ALA A 1077 -2.28 28.01 -3.45
C ALA A 1077 -2.00 29.00 -4.58
N SER A 1078 -2.15 28.58 -5.83
CA SER A 1078 -1.86 29.47 -6.96
C SER A 1078 -2.90 30.58 -7.06
N CYS A 1079 -4.19 30.25 -6.95
CA CYS A 1079 -5.20 31.30 -7.07
C CYS A 1079 -5.22 32.19 -5.84
N HIS A 1080 -4.87 31.63 -4.68
CA HIS A 1080 -4.75 32.45 -3.46
C HIS A 1080 -3.62 33.46 -3.57
N LEU A 1081 -2.46 33.03 -4.07
CA LEU A 1081 -1.35 33.98 -4.20
C LEU A 1081 -1.57 34.94 -5.35
N PHE A 1082 -2.41 34.58 -6.32
CA PHE A 1082 -2.77 35.55 -7.34
C PHE A 1082 -3.69 36.63 -6.78
N LEU A 1083 -4.69 36.24 -6.00
CA LEU A 1083 -5.68 37.21 -5.57
C LEU A 1083 -5.18 38.04 -4.40
N LYS A 1084 -4.24 37.51 -3.60
CA LYS A 1084 -3.71 38.30 -2.49
C LYS A 1084 -2.73 39.37 -2.97
N TYR A 1085 -1.91 39.03 -3.97
CA TYR A 1085 -0.86 39.93 -4.46
C TYR A 1085 -1.15 40.35 -5.89
N PRO A 1086 -1.87 41.45 -6.12
CA PRO A 1086 -2.11 41.87 -7.51
C PRO A 1086 -0.91 42.57 -8.13
N ASP A 1087 0.00 43.09 -7.32
CA ASP A 1087 1.12 43.87 -7.85
C ASP A 1087 2.31 42.99 -8.19
N LYS A 1088 2.39 41.81 -7.59
CA LYS A 1088 3.60 41.01 -7.66
C LYS A 1088 3.66 40.24 -8.98
N ASP A 1089 4.86 40.12 -9.53
CA ASP A 1089 5.07 39.56 -10.85
C ASP A 1089 5.01 38.03 -10.79
N GLU A 1090 5.20 37.38 -11.94
CA GLU A 1090 4.95 35.95 -12.06
C GLU A 1090 6.02 35.13 -11.35
N GLY A 1091 7.29 35.45 -11.59
CA GLY A 1091 8.37 34.64 -11.03
C GLY A 1091 8.48 34.78 -9.53
N GLN A 1092 8.05 35.93 -9.00
CA GLN A 1092 8.03 36.10 -7.56
C GLN A 1092 6.84 35.41 -6.92
N LEU A 1093 5.77 35.16 -7.69
CA LEU A 1093 4.66 34.37 -7.17
C LEU A 1093 4.97 32.89 -7.16
N SER A 1094 5.75 32.42 -8.16
CA SER A 1094 6.03 31.00 -8.24
C SER A 1094 6.96 30.56 -7.12
N ARG A 1095 7.78 31.48 -6.60
CA ARG A 1095 8.64 31.13 -5.48
C ARG A 1095 7.84 30.99 -4.19
N GLN A 1096 6.85 31.85 -3.98
CA GLN A 1096 6.03 31.71 -2.78
C GLN A 1096 5.05 30.56 -2.92
N ARG A 1097 4.71 30.19 -4.15
CA ARG A 1097 3.94 28.97 -4.35
C ARG A 1097 4.83 27.75 -4.14
N GLN A 1098 6.12 27.91 -4.43
CA GLN A 1098 7.10 26.86 -4.15
C GLN A 1098 7.31 26.70 -2.65
N SER A 1099 7.07 27.76 -1.89
CA SER A 1099 7.25 27.67 -0.44
C SER A 1099 6.13 26.89 0.22
N ILE A 1100 4.91 26.98 -0.30
CA ILE A 1100 3.76 26.39 0.40
C ILE A 1100 3.56 24.94 -0.02
N ILE A 1101 3.55 24.66 -1.33
CA ILE A 1101 3.23 23.32 -1.81
C ILE A 1101 4.37 22.33 -1.64
N SER A 1102 5.53 22.78 -1.15
CA SER A 1102 6.72 21.94 -1.08
C SER A 1102 6.52 20.77 -0.14
N ASN A 1103 7.32 19.73 -0.35
CA ASN A 1103 7.08 18.48 0.36
C ASN A 1103 7.83 18.47 1.69
N SER A 1104 8.54 19.55 2.00
CA SER A 1104 9.16 19.68 3.31
C SER A 1104 8.31 20.56 4.22
N ASN A 1105 7.57 21.49 3.64
CA ASN A 1105 6.71 22.36 4.43
C ASN A 1105 5.54 21.59 5.00
N LEU A 1106 5.09 20.55 4.30
CA LEU A 1106 3.98 19.76 4.82
C LEU A 1106 4.41 18.88 5.97
N HIS A 1107 5.69 18.50 6.00
CA HIS A 1107 6.22 17.73 7.12
C HIS A 1107 6.33 18.59 8.37
N ARG A 1108 6.51 19.89 8.20
CA ARG A 1108 6.49 20.80 9.33
C ARG A 1108 5.08 20.96 9.87
N LEU A 1109 4.08 20.80 9.01
CA LEU A 1109 2.70 21.04 9.41
C LEU A 1109 2.02 19.76 9.87
N THR A 1110 2.44 18.60 9.33
CA THR A 1110 1.76 17.35 9.67
C THR A 1110 2.11 16.89 11.08
N THR A 1111 3.40 16.76 11.39
CA THR A 1111 3.79 16.19 12.67
C THR A 1111 3.59 17.19 13.81
N SER A 1112 3.38 18.46 13.48
CA SER A 1112 3.04 19.42 14.53
C SER A 1112 1.60 19.28 14.95
N ARG A 1113 0.74 18.74 14.09
CA ARG A 1113 -0.64 18.46 14.42
C ARG A 1113 -0.86 17.02 14.88
N LYS A 1114 0.22 16.27 15.06
CA LYS A 1114 0.22 14.91 15.63
C LYS A 1114 -0.62 13.94 14.82
N LEU A 1115 -0.50 14.04 13.51
CA LEU A 1115 -1.13 13.11 12.59
C LEU A 1115 -0.24 11.90 12.33
N GLN A 1116 0.98 11.90 12.89
CA GLN A 1116 1.97 10.87 12.60
C GLN A 1116 1.60 9.54 13.26
N GLY A 1117 0.65 9.55 14.19
CA GLY A 1117 0.35 8.34 14.92
C GLY A 1117 -0.47 7.35 14.11
N TYR A 1118 -1.21 7.84 13.12
CA TYR A 1118 -2.18 7.03 12.41
C TYR A 1118 -1.64 6.46 11.10
N ILE A 1119 -0.33 6.45 10.90
CA ILE A 1119 0.19 6.42 9.53
C ILE A 1119 0.13 5.01 8.95
N ARG A 1120 0.17 3.98 9.80
CA ARG A 1120 -0.02 2.57 9.45
C ARG A 1120 0.95 2.09 8.35
N ASN A 1121 2.25 2.10 8.68
CA ASN A 1121 3.21 1.43 7.80
C ASN A 1121 2.92 -0.05 7.72
N GLY A 1122 3.06 -0.77 8.83
CA GLY A 1122 2.37 -2.02 9.09
C GLY A 1122 2.93 -3.21 8.35
N ALA A 1123 2.68 -4.38 8.92
CA ALA A 1123 2.78 -5.64 8.20
C ALA A 1123 1.58 -6.50 8.58
N PHE A 1124 1.03 -6.23 9.76
CA PHE A 1124 0.03 -7.03 10.44
C PHE A 1124 0.43 -8.51 10.51
N GLU A 1125 1.47 -8.81 11.28
CA GLU A 1125 1.68 -10.18 11.71
C GLU A 1125 0.55 -10.55 12.65
N PRO A 1126 -0.18 -11.63 12.41
CA PRO A 1126 -1.33 -11.93 13.27
C PRO A 1126 -0.97 -12.81 14.44
N ARG A 1127 0.31 -13.16 14.57
CA ARG A 1127 0.68 -14.11 15.61
C ARG A 1127 0.77 -13.43 16.97
N ARG A 1128 1.16 -12.16 17.01
CA ARG A 1128 1.28 -11.54 18.33
C ARG A 1128 -0.10 -11.14 18.83
N TRP A 1129 -0.67 -10.06 18.27
CA TRP A 1129 -2.04 -9.57 18.51
C TRP A 1129 -2.42 -9.58 19.99
N THR A 1130 -1.87 -8.63 20.74
CA THR A 1130 -2.05 -8.60 22.19
C THR A 1130 -3.53 -8.46 22.57
N ALA A 1131 -4.08 -9.57 23.08
CA ALA A 1131 -5.48 -9.65 23.48
C ALA A 1131 -5.61 -9.10 24.91
N PRO A 1132 -6.83 -9.01 25.47
CA PRO A 1132 -6.91 -8.69 26.91
C PRO A 1132 -6.31 -9.73 27.83
N GLY A 1133 -6.73 -11.00 27.73
CA GLY A 1133 -6.29 -12.00 28.67
C GLY A 1133 -5.22 -12.94 28.18
N GLN A 1134 -4.39 -12.52 27.23
CA GLN A 1134 -3.44 -13.44 26.60
C GLN A 1134 -2.06 -13.28 27.23
N PHE A 1135 -1.34 -14.39 27.34
CA PHE A 1135 -0.02 -14.34 27.97
C PHE A 1135 1.05 -13.85 27.00
N SER A 1136 0.76 -13.90 25.68
CA SER A 1136 1.60 -13.36 24.60
C SER A 1136 2.99 -13.95 24.58
N LEU A 1137 3.12 -15.22 24.14
CA LEU A 1137 4.39 -15.93 24.04
C LEU A 1137 5.43 -15.29 23.10
N PHE A 1138 5.09 -14.24 22.35
CA PHE A 1138 6.03 -13.61 21.41
C PHE A 1138 6.25 -12.15 21.77
N PRO A 1139 7.12 -11.85 22.74
CA PRO A 1139 7.44 -10.44 22.99
C PRO A 1139 8.69 -9.98 22.24
N VAL A 1140 8.65 -8.76 21.74
CA VAL A 1140 9.86 -8.06 21.31
C VAL A 1140 10.10 -6.90 22.28
N PRO A 1141 11.12 -6.98 23.13
CA PRO A 1141 11.24 -6.00 24.20
C PRO A 1141 11.73 -4.65 23.71
N CYS A 1142 11.43 -3.62 24.49
CA CYS A 1142 11.79 -2.27 24.10
C CYS A 1142 13.27 -2.01 24.36
N LYS A 1143 14.04 -1.88 23.29
CA LYS A 1143 15.42 -1.44 23.35
C LYS A 1143 15.55 0.02 22.92
N CYS A 1144 14.42 0.69 22.70
CA CYS A 1144 14.39 2.02 22.12
C CYS A 1144 14.87 3.11 23.06
N GLY A 1145 14.93 2.84 24.37
CA GLY A 1145 15.23 3.90 25.30
C GLY A 1145 14.04 4.35 26.11
N ILE A 1146 13.40 5.45 25.69
CA ILE A 1146 12.35 6.11 26.44
C ILE A 1146 11.13 5.21 26.60
N ASP A 1147 10.27 5.54 27.57
CA ASP A 1147 9.20 4.63 27.97
C ASP A 1147 7.83 5.12 27.51
N THR A 1148 7.66 6.43 27.33
CA THR A 1148 6.42 6.94 26.76
C THR A 1148 6.33 6.53 25.29
N ARG A 1149 5.11 6.25 24.83
CA ARG A 1149 4.96 5.64 23.51
C ARG A 1149 5.22 6.64 22.40
N GLU A 1150 4.93 7.92 22.62
CA GLU A 1150 5.25 8.91 21.60
C GLU A 1150 6.63 9.50 21.85
N VAL A 1151 7.34 9.78 20.76
CA VAL A 1151 8.72 10.25 20.82
C VAL A 1151 8.70 11.75 20.57
N PRO A 1152 9.59 12.52 21.19
CA PRO A 1152 9.78 13.90 20.77
C PRO A 1152 10.83 13.98 19.68
N LEU A 1153 10.65 14.93 18.76
CA LEU A 1153 11.52 14.98 17.60
C LEU A 1153 12.89 15.55 17.97
N ASP A 1154 13.93 14.84 17.56
CA ASP A 1154 15.31 15.14 17.92
C ASP A 1154 16.21 14.34 17.00
N PRO A 1155 17.38 14.89 16.63
CA PRO A 1155 18.29 14.15 15.73
C PRO A 1155 18.93 12.89 16.30
N LYS A 1156 18.63 12.51 17.54
CA LYS A 1156 18.94 11.15 17.97
C LYS A 1156 18.09 10.14 17.22
N PHE A 1157 16.85 10.52 16.88
CA PHE A 1157 15.92 9.55 16.32
C PHE A 1157 15.89 9.63 14.80
N PHE A 1158 16.39 10.72 14.23
CA PHE A 1158 16.55 10.79 12.78
C PHE A 1158 17.69 9.87 12.40
N THR A 1159 17.60 9.26 11.21
CA THR A 1159 18.69 8.44 10.71
C THR A 1159 18.71 8.46 9.19
N GLU A 1160 19.88 8.19 8.63
CA GLU A 1160 20.04 7.92 7.20
C GLU A 1160 20.86 6.65 7.09
N ASN A 1161 20.18 5.51 7.20
CA ASN A 1161 20.88 4.24 7.39
C ASN A 1161 19.97 3.10 6.96
N MET A 1162 20.53 2.21 6.15
CA MET A 1162 19.88 0.98 5.74
C MET A 1162 20.05 -0.10 6.81
N THR A 1163 19.69 -1.33 6.43
CA THR A 1163 19.67 -2.53 7.28
C THR A 1163 18.83 -2.35 8.54
N ILE A 1164 17.71 -1.63 8.47
CA ILE A 1164 16.77 -1.50 9.58
C ILE A 1164 15.37 -1.73 9.04
N LYS A 1165 14.51 -2.31 9.88
CA LYS A 1165 13.18 -2.71 9.43
C LYS A 1165 12.23 -1.51 9.45
N ILE A 1166 11.54 -1.31 8.33
CA ILE A 1166 10.56 -0.24 8.20
C ILE A 1166 9.18 -0.78 8.57
N GLY A 1167 8.55 -0.14 9.53
CA GLY A 1167 7.20 -0.49 9.90
C GLY A 1167 7.07 -1.53 10.99
N LYS A 1168 8.16 -2.19 11.38
CA LYS A 1168 8.09 -3.20 12.42
C LYS A 1168 7.88 -2.52 13.77
N SER A 1169 7.00 -3.09 14.58
CA SER A 1169 6.51 -2.44 15.78
C SER A 1169 7.21 -2.96 17.03
N CYS A 1170 7.49 -2.04 17.94
CA CYS A 1170 7.92 -2.34 19.29
C CYS A 1170 6.69 -2.67 20.14
N ASP A 1171 6.92 -3.03 21.40
CA ASP A 1171 5.78 -3.28 22.29
C ASP A 1171 5.07 -1.98 22.67
N MET A 1172 5.83 -0.92 22.89
CA MET A 1172 5.22 0.34 23.29
C MET A 1172 4.50 1.01 22.12
N GLY A 1173 4.99 0.81 20.90
CA GLY A 1173 4.30 1.34 19.75
C GLY A 1173 5.19 2.03 18.74
N HIS A 1174 6.50 1.99 18.97
CA HIS A 1174 7.44 2.69 18.10
C HIS A 1174 7.60 1.93 16.79
N ARG A 1175 8.00 2.68 15.75
CA ARG A 1175 8.27 2.11 14.42
C ARG A 1175 9.04 3.13 13.61
N TRP A 1176 9.78 2.66 12.62
CA TRP A 1176 10.47 3.56 11.70
C TRP A 1176 9.52 3.96 10.57
N VAL A 1177 9.58 5.23 10.19
CA VAL A 1177 8.74 5.80 9.15
C VAL A 1177 9.67 6.39 8.08
N VAL A 1178 9.27 6.26 6.81
CA VAL A 1178 10.14 6.63 5.70
C VAL A 1178 10.23 8.15 5.57
N SER A 1179 9.31 8.87 6.23
CA SER A 1179 9.17 10.33 6.34
C SER A 1179 8.70 10.98 5.04
N LYS A 1180 8.61 10.24 3.94
CA LYS A 1180 7.78 10.67 2.83
C LYS A 1180 6.33 10.29 3.10
N SER A 1181 6.13 9.20 3.85
CA SER A 1181 4.79 8.71 4.13
C SER A 1181 4.03 9.63 5.05
N VAL A 1182 4.73 10.36 5.92
CA VAL A 1182 4.06 11.29 6.81
C VAL A 1182 3.88 12.64 6.12
N SER A 1183 4.65 12.89 5.06
CA SER A 1183 4.58 14.19 4.40
C SER A 1183 3.48 14.22 3.34
N ASP A 1184 3.24 13.09 2.66
CA ASP A 1184 2.20 13.10 1.63
C ASP A 1184 0.85 12.69 2.19
N CYS A 1185 0.80 12.30 3.46
CA CYS A 1185 -0.47 11.92 4.06
C CYS A 1185 -1.34 13.14 4.32
N ALA A 1186 -0.71 14.32 4.44
CA ALA A 1186 -1.48 15.54 4.51
C ALA A 1186 -2.12 15.87 3.16
N GLU A 1187 -1.52 15.41 2.08
CA GLU A 1187 -2.09 15.64 0.76
C GLU A 1187 -3.25 14.69 0.48
N ALA A 1188 -3.17 13.47 1.01
CA ALA A 1188 -4.24 12.51 0.78
C ALA A 1188 -5.49 12.88 1.56
N LEU A 1189 -5.34 13.44 2.75
CA LEU A 1189 -6.51 13.85 3.50
C LEU A 1189 -7.20 14.97 2.75
N ILE A 1190 -6.45 15.84 2.09
CA ILE A 1190 -7.06 16.89 1.28
C ILE A 1190 -7.83 16.24 0.13
N GLY A 1191 -7.24 15.24 -0.51
CA GLY A 1191 -7.90 14.56 -1.62
C GLY A 1191 -9.16 13.83 -1.21
N ALA A 1192 -9.16 13.19 -0.07
CA ALA A 1192 -10.33 12.46 0.41
C ALA A 1192 -11.50 13.39 0.66
N TYR A 1193 -11.20 14.56 1.21
CA TYR A 1193 -12.24 15.54 1.47
C TYR A 1193 -12.73 16.19 0.17
N TYR A 1194 -12.00 16.03 -0.93
CA TYR A 1194 -12.49 16.58 -2.19
C TYR A 1194 -13.42 15.61 -2.88
N VAL A 1195 -13.10 14.31 -2.85
CA VAL A 1195 -13.85 13.33 -3.63
C VAL A 1195 -15.21 13.07 -2.99
N SER A 1196 -15.33 13.31 -1.67
CA SER A 1196 -16.60 13.02 -1.02
C SER A 1196 -17.32 14.31 -0.62
N GLY A 1197 -16.58 15.39 -0.40
CA GLY A 1197 -17.19 16.68 -0.23
C GLY A 1197 -17.10 17.49 -1.51
N GLY A 1198 -16.85 18.79 -1.39
CA GLY A 1198 -16.64 19.62 -2.55
C GLY A 1198 -15.31 20.33 -2.43
N LEU A 1199 -15.14 21.39 -3.21
CA LEU A 1199 -13.96 22.23 -3.03
C LEU A 1199 -14.03 22.99 -1.71
N SER A 1200 -15.23 23.33 -1.26
CA SER A 1200 -15.37 24.07 -0.01
C SER A 1200 -15.19 23.16 1.20
N ALA A 1201 -15.20 21.84 0.98
CA ALA A 1201 -14.89 20.92 2.07
C ALA A 1201 -13.40 20.80 2.30
N SER A 1202 -12.61 20.86 1.21
CA SER A 1202 -11.17 20.74 1.35
C SER A 1202 -10.51 22.09 1.61
N LEU A 1203 -11.32 23.13 1.78
CA LEU A 1203 -10.79 24.39 2.30
C LEU A 1203 -10.67 24.35 3.81
N HIS A 1204 -11.52 23.55 4.47
CA HIS A 1204 -11.46 23.47 5.93
C HIS A 1204 -10.30 22.58 6.38
N MET A 1205 -9.89 21.63 5.53
CA MET A 1205 -8.77 20.78 5.92
C MET A 1205 -7.45 21.52 5.76
N MET A 1206 -7.35 22.37 4.74
CA MET A 1206 -6.20 23.24 4.63
C MET A 1206 -6.21 24.31 5.71
N LYS A 1207 -7.40 24.62 6.25
CA LYS A 1207 -7.50 25.49 7.40
C LYS A 1207 -7.07 24.77 8.67
N TRP A 1208 -7.16 23.44 8.71
CA TRP A 1208 -6.76 22.70 9.90
C TRP A 1208 -5.26 22.63 10.03
N LEU A 1209 -4.56 22.30 8.94
CA LEU A 1209 -3.12 22.11 8.98
C LEU A 1209 -2.33 23.41 9.09
N GLY A 1210 -2.95 24.55 8.82
CA GLY A 1210 -2.24 25.81 8.91
C GLY A 1210 -1.84 26.44 7.60
N ILE A 1211 -2.31 25.92 6.46
CA ILE A 1211 -2.06 26.57 5.19
C ILE A 1211 -3.06 27.71 5.01
N ASP A 1212 -2.55 28.90 4.73
CA ASP A 1212 -3.36 30.13 4.71
C ASP A 1212 -4.20 30.19 3.44
N VAL A 1213 -5.51 30.42 3.60
CA VAL A 1213 -6.47 30.47 2.50
C VAL A 1213 -7.45 31.62 2.71
N ASP A 1214 -7.63 32.43 1.66
CA ASP A 1214 -8.28 33.73 1.72
C ASP A 1214 -9.21 34.05 0.54
N PHE A 1215 -10.20 33.20 0.25
CA PHE A 1215 -10.94 33.32 -1.02
C PHE A 1215 -11.97 34.45 -1.04
N ASP A 1216 -11.85 35.44 -0.14
CA ASP A 1216 -12.85 36.52 -0.13
C ASP A 1216 -12.60 37.61 -1.18
N PRO A 1217 -11.42 38.28 -1.26
CA PRO A 1217 -11.39 39.54 -2.04
C PRO A 1217 -11.29 39.36 -3.55
N ASN A 1218 -12.17 38.59 -4.18
CA ASN A 1218 -12.08 38.33 -5.62
C ASN A 1218 -12.84 39.36 -6.46
N LEU A 1219 -13.00 40.57 -5.91
CA LEU A 1219 -13.78 41.59 -6.62
C LEU A 1219 -12.89 42.73 -7.13
N VAL A 1220 -11.81 43.02 -6.40
CA VAL A 1220 -11.13 44.30 -6.56
C VAL A 1220 -10.29 44.32 -7.83
N VAL A 1221 -9.86 43.14 -8.30
CA VAL A 1221 -8.99 43.09 -9.48
C VAL A 1221 -9.77 43.44 -10.73
N GLU A 1222 -10.93 42.78 -10.94
CA GLU A 1222 -11.75 43.13 -12.08
C GLU A 1222 -12.37 44.50 -11.91
N ALA A 1223 -12.56 44.96 -10.66
CA ALA A 1223 -13.02 46.32 -10.44
C ALA A 1223 -12.00 47.36 -10.90
N ILE A 1224 -10.72 47.19 -10.55
CA ILE A 1224 -9.71 48.18 -10.95
C ILE A 1224 -9.38 48.02 -12.42
N ASN A 1225 -9.72 46.88 -13.03
CA ASN A 1225 -9.54 46.78 -14.48
C ASN A 1225 -10.71 47.40 -15.23
N ARG A 1226 -11.91 47.38 -14.64
CA ARG A 1226 -13.06 47.94 -15.36
C ARG A 1226 -13.29 49.39 -15.00
N VAL A 1227 -12.46 49.95 -14.11
CA VAL A 1227 -12.42 51.42 -14.04
C VAL A 1227 -11.23 51.99 -14.81
N SER A 1228 -10.64 51.21 -15.70
CA SER A 1228 -9.57 51.68 -16.58
C SER A 1228 -10.11 52.10 -17.94
N LEU A 1229 -11.19 52.89 -17.96
CA LEU A 1229 -12.03 53.07 -19.15
C LEU A 1229 -11.27 53.67 -20.34
N ARG A 1230 -10.74 54.89 -20.18
CA ARG A 1230 -10.35 55.63 -21.38
C ARG A 1230 -8.85 55.94 -21.40
N CYS A 1231 -8.11 55.50 -20.37
CA CYS A 1231 -6.67 55.67 -20.42
C CYS A 1231 -6.02 54.49 -21.14
N TYR A 1232 -5.62 53.47 -20.38
CA TYR A 1232 -5.05 52.19 -20.85
C TYR A 1232 -4.86 51.25 -19.67
N ASP A 1237 -15.49 45.70 -33.37
CA ASP A 1237 -14.27 45.58 -32.58
C ASP A 1237 -13.58 44.27 -32.93
N GLU A 1238 -12.28 44.16 -32.64
CA GLU A 1238 -11.55 42.96 -33.03
C GLU A 1238 -11.67 41.87 -31.97
N LEU A 1239 -12.22 42.21 -30.80
CA LEU A 1239 -12.36 41.21 -29.74
C LEU A 1239 -13.69 40.46 -29.88
N ILE A 1240 -14.50 40.82 -30.88
CA ILE A 1240 -15.78 40.15 -31.07
C ILE A 1240 -15.56 38.78 -31.68
N GLU A 1241 -14.62 38.67 -32.62
CA GLU A 1241 -14.44 37.43 -33.37
C GLU A 1241 -13.81 36.33 -32.51
N LEU A 1242 -13.16 36.72 -31.41
CA LEU A 1242 -12.58 35.73 -30.51
C LEU A 1242 -13.67 34.99 -29.74
N GLU A 1243 -14.80 35.64 -29.49
CA GLU A 1243 -15.82 35.04 -28.63
C GLU A 1243 -16.73 34.10 -29.41
N ARG A 1244 -16.59 34.07 -30.75
CA ARG A 1244 -17.31 33.08 -31.54
C ARG A 1244 -16.78 31.69 -31.28
N LYS A 1245 -15.45 31.58 -31.16
CA LYS A 1245 -14.81 30.28 -31.13
C LYS A 1245 -14.66 29.76 -29.71
N ILE A 1246 -14.71 30.66 -28.71
CA ILE A 1246 -14.64 30.21 -27.32
C ILE A 1246 -15.98 29.64 -26.88
N GLN A 1247 -17.06 30.01 -27.59
CA GLN A 1247 -18.46 29.70 -27.25
C GLN A 1247 -18.78 30.12 -25.81
N HIS A 1248 -18.71 31.43 -25.57
CA HIS A 1248 -18.99 32.03 -24.23
C HIS A 1248 -19.30 33.53 -24.40
N GLU A 1249 -20.30 34.02 -23.65
CA GLU A 1249 -20.74 35.45 -23.71
C GLU A 1249 -19.62 36.39 -23.26
N PHE A 1250 -18.89 36.02 -22.18
CA PHE A 1250 -17.79 36.78 -21.54
C PHE A 1250 -18.29 38.10 -20.93
N SER A 1251 -18.46 38.12 -19.60
CA SER A 1251 -18.99 39.30 -18.87
C SER A 1251 -18.07 40.52 -19.00
N ALA A 1252 -16.75 40.34 -18.89
CA ALA A 1252 -15.83 41.50 -18.98
C ALA A 1252 -14.98 41.41 -20.25
N LYS A 1253 -15.13 42.40 -21.15
CA LYS A 1253 -14.37 42.46 -22.42
C LYS A 1253 -12.88 42.69 -22.15
N PHE A 1254 -12.55 43.56 -21.19
CA PHE A 1254 -11.13 43.91 -20.89
C PHE A 1254 -10.33 42.70 -20.42
N LEU A 1255 -10.92 41.85 -19.58
CA LEU A 1255 -10.18 40.67 -19.04
C LEU A 1255 -9.76 39.76 -20.20
N LEU A 1256 -10.67 39.53 -21.16
CA LEU A 1256 -10.34 38.66 -22.32
C LEU A 1256 -9.21 39.31 -23.12
N LYS A 1257 -9.28 40.62 -23.32
CA LYS A 1257 -8.27 41.38 -24.11
C LYS A 1257 -6.91 41.33 -23.41
N GLU A 1258 -6.91 41.41 -22.08
CA GLU A 1258 -5.65 41.42 -21.28
C GLU A 1258 -4.88 40.11 -21.49
N ALA A 1259 -5.58 38.98 -21.54
CA ALA A 1259 -4.92 37.66 -21.69
C ALA A 1259 -4.48 37.42 -23.14
N ILE A 1260 -4.20 38.47 -23.91
CA ILE A 1260 -3.77 38.27 -25.29
C ILE A 1260 -2.40 38.91 -25.52
N THR A 1261 -2.12 40.02 -24.86
CA THR A 1261 -0.95 40.82 -25.20
C THR A 1261 0.38 40.16 -24.80
N HIS A 1262 1.08 39.65 -25.81
CA HIS A 1262 2.36 38.89 -25.68
C HIS A 1262 3.34 39.51 -24.68
N SER A 1263 3.88 40.70 -25.02
CA SER A 1263 4.90 41.55 -24.35
C SER A 1263 5.52 42.47 -25.40
N SER A 1264 5.21 42.24 -26.68
CA SER A 1264 5.72 43.07 -27.81
C SER A 1264 5.20 44.50 -27.67
N LEU A 1265 3.93 44.63 -27.23
CA LEU A 1265 3.24 45.93 -27.03
C LEU A 1265 3.96 46.76 -25.95
N ARG A 1266 4.51 46.10 -24.92
CA ARG A 1266 5.24 46.70 -23.77
C ARG A 1266 4.27 47.47 -22.87
N GLU A 1267 3.00 47.05 -22.87
CA GLU A 1267 1.93 47.65 -22.02
C GLU A 1267 2.11 47.18 -20.57
N SER A 1268 1.54 47.92 -19.61
CA SER A 1268 1.68 47.56 -18.18
C SER A 1268 1.07 46.17 -17.93
N TYR A 1269 -0.06 45.87 -18.56
CA TYR A 1269 -0.71 44.55 -18.38
C TYR A 1269 0.18 43.46 -19.01
N SER A 1270 0.20 42.28 -18.39
CA SER A 1270 1.03 41.13 -18.87
C SER A 1270 0.15 39.89 -18.97
N TYR A 1271 0.55 38.90 -19.78
CA TYR A 1271 -0.27 37.69 -19.96
C TYR A 1271 0.43 36.44 -19.38
N GLU A 1272 1.48 36.61 -18.58
CA GLU A 1272 2.13 35.43 -18.01
C GLU A 1272 1.65 35.15 -16.59
N ARG A 1273 1.04 36.15 -15.94
CA ARG A 1273 0.46 35.91 -14.62
C ARG A 1273 -0.86 35.14 -14.75
N LEU A 1274 -1.65 35.48 -15.76
CA LEU A 1274 -2.84 34.69 -16.06
C LEU A 1274 -2.45 33.32 -16.60
N GLU A 1275 -1.30 33.22 -17.25
CA GLU A 1275 -0.77 31.92 -17.66
C GLU A 1275 -0.37 31.09 -16.44
N PHE A 1276 0.21 31.74 -15.43
CA PHE A 1276 0.54 31.10 -14.16
C PHE A 1276 -0.69 30.53 -13.48
N LEU A 1277 -1.79 31.28 -13.47
CA LEU A 1277 -3.01 30.75 -12.88
C LEU A 1277 -3.65 29.69 -13.78
N GLY A 1278 -3.52 29.85 -15.09
CA GLY A 1278 -4.24 29.01 -16.02
C GLY A 1278 -3.68 27.61 -16.12
N ASP A 1279 -2.35 27.49 -16.09
CA ASP A 1279 -1.76 26.15 -16.14
C ASP A 1279 -2.10 25.36 -14.88
N SER A 1280 -2.17 26.05 -13.74
CA SER A 1280 -2.54 25.38 -12.50
C SER A 1280 -3.99 24.89 -12.52
N VAL A 1281 -4.93 25.78 -12.93
CA VAL A 1281 -6.33 25.39 -12.93
C VAL A 1281 -6.61 24.33 -14.00
N LEU A 1282 -5.83 24.34 -15.09
CA LEU A 1282 -6.08 23.37 -16.15
C LEU A 1282 -5.46 22.01 -15.80
N ASP A 1283 -4.34 22.03 -15.08
CA ASP A 1283 -3.80 20.80 -14.49
C ASP A 1283 -4.81 20.17 -13.55
N PHE A 1284 -5.46 20.99 -12.70
CA PHE A 1284 -6.44 20.45 -11.77
C PHE A 1284 -7.67 19.89 -12.49
N LEU A 1285 -8.12 20.55 -13.57
CA LEU A 1285 -9.26 20.05 -14.32
C LEU A 1285 -8.96 18.73 -15.02
N ILE A 1286 -7.78 18.62 -15.66
CA ILE A 1286 -7.46 17.40 -16.36
C ILE A 1286 -7.19 16.26 -15.38
N THR A 1287 -6.67 16.57 -14.19
CA THR A 1287 -6.38 15.48 -13.27
C THR A 1287 -7.61 15.09 -12.44
N ARG A 1288 -8.66 15.93 -12.43
CA ARG A 1288 -9.90 15.47 -11.83
C ARG A 1288 -10.75 14.75 -12.86
N HIS A 1289 -10.53 15.06 -14.15
CA HIS A 1289 -11.23 14.33 -15.20
C HIS A 1289 -10.73 12.89 -15.32
N LEU A 1290 -9.43 12.68 -15.16
CA LEU A 1290 -8.87 11.35 -15.31
C LEU A 1290 -9.12 10.51 -14.06
N PHE A 1291 -9.46 11.14 -12.95
CA PHE A 1291 -9.57 10.42 -11.69
C PHE A 1291 -10.89 9.67 -11.60
N ASN A 1292 -11.93 10.17 -12.26
CA ASN A 1292 -13.25 9.56 -12.12
C ASN A 1292 -13.51 8.53 -13.20
N THR A 1293 -12.94 8.73 -14.39
CA THR A 1293 -13.27 7.85 -15.52
C THR A 1293 -12.53 6.53 -15.44
N TYR A 1294 -11.27 6.56 -14.99
CA TYR A 1294 -10.42 5.38 -14.93
C TYR A 1294 -10.19 5.03 -13.47
N GLU A 1295 -10.84 3.99 -12.98
CA GLU A 1295 -10.79 3.68 -11.55
C GLU A 1295 -9.60 2.80 -11.20
N GLN A 1296 -8.98 2.15 -12.19
CA GLN A 1296 -8.02 1.10 -11.87
C GLN A 1296 -6.59 1.51 -12.18
N THR A 1297 -6.40 2.51 -13.02
CA THR A 1297 -5.06 2.90 -13.41
C THR A 1297 -4.37 3.66 -12.30
N GLY A 1298 -3.18 3.19 -11.91
CA GLY A 1298 -2.43 3.80 -10.83
C GLY A 1298 -1.79 5.11 -11.23
N PRO A 1299 -0.93 5.63 -10.35
CA PRO A 1299 -0.37 6.97 -10.60
C PRO A 1299 0.73 6.96 -11.64
N GLY A 1300 1.30 5.80 -11.95
CA GLY A 1300 2.33 5.74 -12.97
C GLY A 1300 1.78 5.92 -14.36
N GLU A 1301 0.57 5.43 -14.60
CA GLU A 1301 -0.04 5.55 -15.92
C GLU A 1301 -0.87 6.83 -16.02
N MET A 1302 -1.41 7.29 -14.89
CA MET A 1302 -2.20 8.51 -14.89
C MET A 1302 -1.32 9.73 -15.10
N THR A 1303 -0.07 9.68 -14.63
CA THR A 1303 0.86 10.78 -14.89
C THR A 1303 1.22 10.85 -16.36
N ASP A 1304 1.33 9.70 -17.02
CA ASP A 1304 1.59 9.68 -18.45
C ASP A 1304 0.39 10.22 -19.24
N LEU A 1305 -0.82 9.83 -18.84
CA LEU A 1305 -2.01 10.32 -19.51
C LEU A 1305 -2.22 11.80 -19.27
N ARG A 1306 -1.79 12.31 -18.11
CA ARG A 1306 -1.89 13.74 -17.86
C ARG A 1306 -0.82 14.50 -18.64
N SER A 1307 0.35 13.89 -18.80
CA SER A 1307 1.41 14.54 -19.56
C SER A 1307 1.12 14.54 -21.05
N ALA A 1308 0.22 13.65 -21.49
CA ALA A 1308 -0.20 13.68 -22.89
C ALA A 1308 -1.12 14.85 -23.18
N CYS A 1309 -1.86 15.32 -22.17
CA CYS A 1309 -2.81 16.40 -22.39
C CYS A 1309 -2.17 17.77 -22.17
N VAL A 1310 -1.33 17.91 -21.15
CA VAL A 1310 -0.71 19.19 -20.82
C VAL A 1310 0.69 19.30 -21.43
N ASN A 1311 0.96 18.52 -22.46
CA ASN A 1311 2.17 18.69 -23.26
C ASN A 1311 2.13 20.08 -23.88
N ASN A 1312 3.26 20.79 -23.85
CA ASN A 1312 3.23 22.18 -24.25
C ASN A 1312 3.10 22.32 -25.77
N GLU A 1313 3.50 21.30 -26.52
CA GLU A 1313 3.26 21.35 -27.96
C GLU A 1313 1.84 20.93 -28.29
N ASN A 1314 1.20 20.20 -27.36
CA ASN A 1314 -0.20 19.83 -27.56
C ASN A 1314 -1.09 21.06 -27.47
N PHE A 1315 -0.75 22.00 -26.60
CA PHE A 1315 -1.54 23.23 -26.51
C PHE A 1315 -1.26 24.15 -27.68
N ALA A 1316 -0.06 24.07 -28.25
CA ALA A 1316 0.21 24.79 -29.49
C ALA A 1316 -0.55 24.16 -30.66
N GLN A 1317 -0.77 22.85 -30.58
CA GLN A 1317 -1.50 22.16 -31.64
C GLN A 1317 -3.00 22.47 -31.56
N VAL A 1318 -3.49 22.78 -30.36
CA VAL A 1318 -4.91 23.11 -30.20
C VAL A 1318 -5.18 24.54 -30.66
N ALA A 1319 -4.25 25.46 -30.39
CA ALA A 1319 -4.51 26.87 -30.66
C ALA A 1319 -4.49 27.18 -32.16
N VAL A 1320 -3.90 26.30 -32.96
CA VAL A 1320 -3.91 26.50 -34.40
C VAL A 1320 -5.14 25.81 -35.01
N LYS A 1321 -5.56 24.70 -34.40
CA LYS A 1321 -6.69 23.92 -34.93
C LYS A 1321 -8.00 24.69 -34.83
N ASN A 1322 -8.20 25.41 -33.73
CA ASN A 1322 -9.39 26.25 -33.59
C ASN A 1322 -9.22 27.62 -34.22
N ASN A 1323 -8.07 27.88 -34.85
CA ASN A 1323 -7.77 29.14 -35.54
C ASN A 1323 -7.89 30.33 -34.60
N LEU A 1324 -7.29 30.19 -33.42
CA LEU A 1324 -7.36 31.21 -32.38
C LEU A 1324 -6.06 31.99 -32.24
N HIS A 1325 -5.00 31.55 -32.94
CA HIS A 1325 -3.69 32.16 -32.76
C HIS A 1325 -3.57 33.48 -33.50
N THR A 1326 -4.48 33.74 -34.45
CA THR A 1326 -4.34 34.93 -35.29
C THR A 1326 -4.76 36.19 -34.56
N HIS A 1327 -5.36 36.05 -33.38
CA HIS A 1327 -5.81 37.18 -32.59
C HIS A 1327 -4.67 37.73 -31.74
N LEU A 1328 -3.56 37.00 -31.71
CA LEU A 1328 -2.41 37.32 -30.87
C LEU A 1328 -1.70 38.53 -31.47
N GLN A 1329 -1.57 39.60 -30.68
CA GLN A 1329 -0.79 40.76 -31.12
C GLN A 1329 0.65 40.58 -30.62
N ARG A 1330 1.60 40.78 -31.53
CA ARG A 1330 3.02 40.60 -31.26
C ARG A 1330 3.81 41.44 -32.23
N CYS A 1331 5.01 41.86 -31.83
CA CYS A 1331 5.87 42.66 -32.68
C CYS A 1331 7.26 42.03 -32.84
N ALA A 1332 7.55 40.97 -32.10
CA ALA A 1332 8.84 40.30 -32.19
C ALA A 1332 8.92 39.52 -33.50
N THR A 1333 9.81 39.97 -34.39
CA THR A 1333 9.89 39.36 -35.72
C THR A 1333 10.63 38.02 -35.67
N VAL A 1334 11.37 37.77 -34.59
CA VAL A 1334 11.97 36.46 -34.39
C VAL A 1334 10.88 35.41 -34.16
N LEU A 1335 9.85 35.78 -33.41
CA LEU A 1335 8.74 34.87 -33.16
C LEU A 1335 7.87 34.67 -34.40
N GLU A 1336 7.74 35.73 -35.21
CA GLU A 1336 6.82 35.71 -36.34
C GLU A 1336 7.27 34.72 -37.43
N THR A 1337 8.59 34.58 -37.60
CA THR A 1337 9.10 33.60 -38.56
C THR A 1337 8.89 32.18 -38.07
N GLN A 1338 8.88 31.99 -36.74
CA GLN A 1338 8.67 30.66 -36.19
C GLN A 1338 7.21 30.23 -36.35
N ILE A 1339 6.28 31.18 -36.29
CA ILE A 1339 4.87 30.86 -36.52
C ILE A 1339 4.64 30.47 -37.97
N ASN A 1340 5.25 31.22 -38.90
CA ASN A 1340 5.15 30.93 -40.33
C ASN A 1340 5.82 29.60 -40.65
N ASP A 1341 6.90 29.27 -39.94
CA ASP A 1341 7.54 27.97 -40.14
C ASP A 1341 6.68 26.85 -39.57
N TYR A 1342 5.98 27.11 -38.46
CA TYR A 1342 5.26 26.05 -37.78
C TYR A 1342 3.96 25.71 -38.48
N LEU A 1343 3.25 26.71 -39.00
CA LEU A 1343 1.97 26.42 -39.67
C LEU A 1343 2.18 25.80 -41.04
N MET A 1344 3.28 26.15 -41.72
CA MET A 1344 3.61 25.48 -42.96
C MET A 1344 4.23 24.11 -42.75
N SER A 1345 4.58 23.77 -41.51
CA SER A 1345 5.10 22.44 -41.21
C SER A 1345 3.99 21.42 -41.07
N PHE A 1346 2.74 21.88 -41.01
CA PHE A 1346 1.58 20.99 -40.98
C PHE A 1346 1.47 20.18 -42.27
N GLN A 1347 1.05 18.93 -42.13
CA GLN A 1347 0.86 18.02 -43.26
C GLN A 1347 -0.62 17.69 -43.36
N LYS A 1348 -1.01 17.12 -44.50
CA LYS A 1348 -2.41 16.78 -44.70
C LYS A 1348 -2.78 15.54 -43.87
N PRO A 1349 -4.05 15.39 -43.47
CA PRO A 1349 -4.42 14.18 -42.73
C PRO A 1349 -4.51 12.95 -43.61
N GLY A 1353 -8.13 11.07 -39.25
CA GLY A 1353 -6.79 11.61 -39.28
C GLY A 1353 -6.73 13.10 -38.96
N ARG A 1354 -5.61 13.53 -38.37
CA ARG A 1354 -5.41 14.93 -38.02
C ARG A 1354 -4.13 15.43 -38.68
N SER A 1355 -3.93 16.73 -38.62
CA SER A 1355 -2.76 17.38 -39.20
C SER A 1355 -1.68 17.49 -38.13
N ILE A 1356 -0.66 16.65 -38.24
CA ILE A 1356 0.44 16.68 -37.26
C ILE A 1356 1.51 17.67 -37.72
N PRO A 1357 2.27 18.28 -36.82
CA PRO A 1357 3.34 19.17 -37.25
C PRO A 1357 4.62 18.41 -37.56
N SER A 1358 5.50 19.06 -38.32
CA SER A 1358 6.81 18.48 -38.60
C SER A 1358 7.80 18.78 -37.49
N ILE A 1359 7.73 19.99 -36.93
CA ILE A 1359 8.62 20.40 -35.85
C ILE A 1359 7.76 20.75 -34.64
N GLN A 1360 8.42 20.99 -33.50
CA GLN A 1360 7.70 21.29 -32.27
C GLN A 1360 7.23 22.74 -32.22
N GLY A 1361 8.03 23.67 -32.72
CA GLY A 1361 7.61 25.05 -32.81
C GLY A 1361 7.78 25.83 -31.52
N PRO A 1362 7.04 26.93 -31.38
CA PRO A 1362 7.26 27.82 -30.24
C PRO A 1362 6.47 27.40 -29.02
N LYS A 1363 6.93 27.88 -27.87
CA LYS A 1363 6.22 27.76 -26.61
C LYS A 1363 5.37 28.99 -26.30
N ALA A 1364 5.63 30.12 -26.96
CA ALA A 1364 4.84 31.32 -26.70
C ALA A 1364 3.48 31.23 -27.37
N LEU A 1365 3.34 30.35 -28.36
CA LEU A 1365 2.05 30.17 -29.02
C LEU A 1365 1.16 29.25 -28.19
N GLY A 1366 1.76 28.32 -27.45
CA GLY A 1366 0.97 27.41 -26.65
C GLY A 1366 0.55 28.00 -25.32
N ASP A 1367 1.07 29.17 -24.99
CA ASP A 1367 0.70 29.81 -23.73
C ASP A 1367 -0.60 30.58 -23.87
N VAL A 1368 -1.17 30.64 -25.07
CA VAL A 1368 -2.39 31.40 -25.30
C VAL A 1368 -3.58 30.69 -24.68
N VAL A 1369 -3.70 29.38 -24.90
CA VAL A 1369 -4.88 28.65 -24.45
C VAL A 1369 -4.80 28.39 -22.95
N GLU A 1370 -3.62 28.56 -22.35
CA GLU A 1370 -3.53 28.53 -20.90
C GLU A 1370 -3.97 29.86 -20.31
N SER A 1371 -3.73 30.95 -21.04
CA SER A 1371 -4.12 32.27 -20.53
C SER A 1371 -5.62 32.48 -20.64
N ILE A 1372 -6.28 31.76 -21.55
CA ILE A 1372 -7.72 31.81 -21.67
C ILE A 1372 -8.38 31.17 -20.44
N ALA A 1373 -7.74 30.15 -19.87
CA ALA A 1373 -8.32 29.44 -18.74
C ALA A 1373 -8.27 30.28 -17.47
N GLY A 1374 -7.43 31.31 -17.44
CA GLY A 1374 -7.35 32.15 -16.26
C GLY A 1374 -8.33 33.30 -16.29
N ALA A 1375 -8.56 33.88 -17.48
CA ALA A 1375 -9.38 35.08 -17.59
C ALA A 1375 -10.85 34.77 -17.35
N LEU A 1376 -11.36 33.71 -17.97
CA LEU A 1376 -12.78 33.41 -17.82
C LEU A 1376 -13.06 32.82 -16.45
N LEU A 1377 -12.02 32.32 -15.76
CA LEU A 1377 -12.14 31.94 -14.36
C LEU A 1377 -12.50 33.14 -13.49
N ILE A 1378 -11.75 34.24 -13.64
CA ILE A 1378 -12.06 35.47 -12.92
C ILE A 1378 -13.42 36.02 -13.34
N ASP A 1379 -13.76 35.89 -14.63
CA ASP A 1379 -15.03 36.43 -15.11
C ASP A 1379 -16.22 35.59 -14.70
N THR A 1380 -16.03 34.32 -14.37
CA THR A 1380 -17.11 33.55 -13.75
C THR A 1380 -17.00 33.54 -12.23
N ARG A 1381 -16.04 34.29 -11.69
CA ARG A 1381 -15.93 34.60 -10.24
C ARG A 1381 -15.62 33.35 -9.44
N LEU A 1382 -14.49 32.72 -9.79
CA LEU A 1382 -13.91 31.56 -9.11
C LEU A 1382 -14.79 30.32 -9.19
N ASP A 1383 -15.79 30.30 -10.07
CA ASP A 1383 -16.53 29.09 -10.34
C ASP A 1383 -15.69 28.20 -11.25
N LEU A 1384 -15.85 26.90 -11.09
CA LEU A 1384 -14.93 25.97 -11.72
C LEU A 1384 -15.62 24.91 -12.57
N ASP A 1385 -16.93 24.76 -12.45
CA ASP A 1385 -17.64 23.87 -13.36
C ASP A 1385 -17.92 24.57 -14.69
N GLN A 1386 -17.79 25.89 -14.72
CA GLN A 1386 -18.10 26.62 -15.95
C GLN A 1386 -16.92 26.59 -16.92
N VAL A 1387 -15.70 26.56 -16.40
CA VAL A 1387 -14.52 26.59 -17.26
C VAL A 1387 -14.33 25.24 -17.95
N TRP A 1388 -14.82 24.16 -17.34
CA TRP A 1388 -14.72 22.86 -17.99
C TRP A 1388 -15.85 22.66 -19.00
N ARG A 1389 -16.85 23.55 -18.97
CA ARG A 1389 -17.86 23.53 -20.01
C ARG A 1389 -17.37 24.25 -21.26
N VAL A 1390 -16.35 25.10 -21.11
CA VAL A 1390 -15.80 25.81 -22.25
C VAL A 1390 -14.68 25.01 -22.91
N PHE A 1391 -13.76 24.46 -22.11
CA PHE A 1391 -12.60 23.78 -22.66
C PHE A 1391 -12.85 22.32 -23.04
N GLU A 1392 -14.06 21.81 -22.84
CA GLU A 1392 -14.35 20.46 -23.32
C GLU A 1392 -14.54 20.38 -24.84
N PRO A 1393 -15.27 21.29 -25.52
CA PRO A 1393 -15.25 21.20 -26.99
C PRO A 1393 -13.94 21.61 -27.63
N LEU A 1394 -13.10 22.37 -26.93
CA LEU A 1394 -11.82 22.77 -27.52
C LEU A 1394 -10.80 21.64 -27.44
N LEU A 1395 -10.91 20.78 -26.42
CA LEU A 1395 -9.94 19.71 -26.23
C LEU A 1395 -10.45 18.35 -26.65
N SER A 1396 -11.56 18.29 -27.42
CA SER A 1396 -12.41 17.13 -27.70
C SER A 1396 -11.72 15.78 -27.98
N PRO A 1397 -10.59 15.70 -28.72
CA PRO A 1397 -9.90 14.39 -28.75
C PRO A 1397 -9.01 14.17 -27.54
N LEU A 1398 -9.61 14.00 -26.36
CA LEU A 1398 -8.83 13.71 -25.17
C LEU A 1398 -8.27 12.30 -25.22
N VAL A 1399 -7.15 12.10 -24.53
CA VAL A 1399 -6.38 10.88 -24.69
C VAL A 1399 -7.03 9.76 -23.88
N THR A 1400 -6.85 8.53 -24.35
CA THR A 1400 -7.36 7.31 -23.76
C THR A 1400 -6.22 6.31 -23.79
N PRO A 1401 -6.10 5.44 -22.75
CA PRO A 1401 -4.87 4.68 -22.54
C PRO A 1401 -4.48 3.68 -23.60
N ASP A 1402 -5.42 3.22 -24.43
CA ASP A 1402 -5.05 2.32 -25.52
C ASP A 1402 -4.46 3.08 -26.69
N LYS A 1403 -4.93 4.30 -26.93
CA LYS A 1403 -4.47 5.13 -28.03
C LYS A 1403 -3.24 5.96 -27.65
N LEU A 1404 -2.76 5.82 -26.41
CA LEU A 1404 -1.67 6.66 -25.91
C LEU A 1404 -0.36 6.31 -26.60
N GLN A 1405 0.33 7.34 -27.08
CA GLN A 1405 1.60 7.21 -27.76
C GLN A 1405 2.66 7.95 -26.96
N LEU A 1406 3.60 7.20 -26.40
CA LEU A 1406 4.75 7.72 -25.67
C LEU A 1406 5.60 8.60 -26.59
N PRO A 1407 6.29 9.59 -26.03
CA PRO A 1407 7.31 10.30 -26.81
C PRO A 1407 8.44 9.36 -27.19
N PRO A 1408 8.87 9.39 -28.46
CA PRO A 1408 9.49 8.21 -29.09
C PRO A 1408 10.81 7.75 -28.52
N TYR A 1409 11.61 8.67 -27.96
CA TYR A 1409 12.90 8.27 -27.41
C TYR A 1409 12.72 7.52 -26.10
N ARG A 1410 11.73 7.91 -25.31
CA ARG A 1410 11.42 7.18 -24.09
C ARG A 1410 10.91 5.78 -24.39
N GLU A 1411 10.08 5.64 -25.43
CA GLU A 1411 9.55 4.33 -25.77
C GLU A 1411 10.63 3.46 -26.41
N LEU A 1412 11.56 4.07 -27.15
CA LEU A 1412 12.69 3.34 -27.69
C LEU A 1412 13.60 2.82 -26.57
N ASN A 1413 13.85 3.64 -25.57
CA ASN A 1413 14.68 3.22 -24.45
C ASN A 1413 14.01 2.10 -23.66
N GLU A 1414 12.70 2.22 -23.43
CA GLU A 1414 12.01 1.20 -22.65
C GLU A 1414 11.68 -0.02 -23.47
N LEU A 1415 11.89 0.04 -24.79
CA LEU A 1415 11.80 -1.16 -25.62
C LEU A 1415 13.15 -1.88 -25.70
N CYS A 1416 14.23 -1.12 -25.84
CA CYS A 1416 15.56 -1.74 -25.96
C CYS A 1416 16.02 -2.33 -24.63
N ASP A 1417 15.61 -1.74 -23.52
CA ASP A 1417 15.97 -2.32 -22.23
C ASP A 1417 15.15 -3.57 -21.93
N SER A 1418 13.99 -3.71 -22.58
CA SER A 1418 13.14 -4.87 -22.30
C SER A 1418 13.63 -6.11 -23.03
N LEU A 1419 14.05 -5.96 -24.29
CA LEU A 1419 14.47 -7.13 -25.06
C LEU A 1419 15.85 -7.60 -24.63
N GLY A 1420 16.77 -6.67 -24.42
CA GLY A 1420 18.15 -7.01 -24.12
C GLY A 1420 19.16 -6.56 -25.15
N TYR A 1421 18.85 -5.52 -25.91
CA TYR A 1421 19.77 -5.00 -26.91
C TYR A 1421 20.22 -3.62 -26.49
N PHE A 1422 21.46 -3.27 -26.82
CA PHE A 1422 22.05 -2.02 -26.36
C PHE A 1422 22.39 -1.14 -27.55
N PHE A 1423 22.35 0.18 -27.33
CA PHE A 1423 22.63 1.15 -28.38
C PHE A 1423 23.46 2.27 -27.80
N ARG A 1424 24.19 2.97 -28.66
CA ARG A 1424 24.94 4.16 -28.27
C ARG A 1424 24.44 5.34 -29.09
N VAL A 1425 24.58 6.54 -28.55
CA VAL A 1425 24.00 7.74 -29.14
C VAL A 1425 25.12 8.75 -29.36
N LYS A 1426 24.97 9.58 -30.39
CA LYS A 1426 25.90 10.67 -30.68
C LYS A 1426 25.08 11.93 -30.96
N CYS A 1427 25.54 13.06 -30.45
CA CYS A 1427 24.83 14.32 -30.57
C CYS A 1427 25.81 15.45 -30.87
N SER A 1428 25.39 16.38 -31.72
CA SER A 1428 26.24 17.51 -32.12
C SER A 1428 25.38 18.73 -32.39
N ASN A 1429 25.40 19.68 -31.45
CA ASN A 1429 24.74 20.96 -31.69
C ASN A 1429 25.68 21.91 -32.42
N ASP A 1430 25.93 21.65 -33.70
CA ASP A 1430 26.93 22.33 -34.51
C ASP A 1430 26.50 23.79 -34.71
N GLY A 1431 25.40 24.06 -35.40
CA GLY A 1431 24.95 25.42 -35.59
C GLY A 1431 23.49 25.61 -35.18
N VAL A 1432 22.73 26.30 -36.02
CA VAL A 1432 21.29 26.39 -35.80
C VAL A 1432 20.62 25.04 -36.07
N LYS A 1433 21.15 24.29 -37.02
CA LYS A 1433 20.68 22.95 -37.35
C LYS A 1433 21.46 21.95 -36.50
N ALA A 1434 20.76 21.20 -35.67
CA ALA A 1434 21.38 20.19 -34.82
C ALA A 1434 20.92 18.81 -35.26
N GLN A 1435 21.88 17.91 -35.48
CA GLN A 1435 21.58 16.55 -35.94
C GLN A 1435 22.19 15.56 -34.96
N ALA A 1436 21.64 14.34 -34.95
CA ALA A 1436 22.06 13.30 -34.02
C ALA A 1436 21.80 11.93 -34.64
N THR A 1437 22.68 10.98 -34.38
CA THR A 1437 22.59 9.63 -34.92
C THR A 1437 22.54 8.62 -33.79
N ILE A 1438 21.74 7.57 -33.99
CA ILE A 1438 21.60 6.48 -33.02
C ILE A 1438 21.97 5.19 -33.72
N GLN A 1439 22.88 4.42 -33.12
CA GLN A 1439 23.31 3.14 -33.65
C GLN A 1439 22.92 2.03 -32.70
N LEU A 1440 22.08 1.11 -33.17
CA LEU A 1440 21.60 -0.01 -32.37
C LEU A 1440 22.31 -1.27 -32.82
N GLN A 1441 22.43 -2.24 -31.92
CA GLN A 1441 23.06 -3.52 -32.23
C GLN A 1441 22.06 -4.64 -31.98
N LEU A 1442 21.61 -5.29 -33.05
CA LEU A 1442 20.80 -6.48 -32.95
C LEU A 1442 21.71 -7.71 -32.78
N ASP A 1443 21.12 -8.89 -32.93
CA ASP A 1443 21.89 -10.11 -32.80
C ASP A 1443 22.79 -10.35 -33.99
N ASP A 1444 22.45 -9.79 -35.15
CA ASP A 1444 23.23 -9.99 -36.36
C ASP A 1444 23.61 -8.71 -37.09
N VAL A 1445 22.75 -7.70 -37.13
CA VAL A 1445 22.93 -6.56 -38.01
C VAL A 1445 22.81 -5.27 -37.18
N LEU A 1446 23.60 -4.26 -37.56
CA LEU A 1446 23.51 -2.96 -36.93
C LEU A 1446 22.49 -2.08 -37.67
N LEU A 1447 21.92 -1.12 -36.95
CA LEU A 1447 20.90 -0.22 -37.49
C LEU A 1447 21.27 1.22 -37.16
N THR A 1448 20.99 2.13 -38.09
CA THR A 1448 21.30 3.55 -37.92
C THR A 1448 20.04 4.37 -38.11
N GLY A 1449 20.01 5.55 -37.49
CA GLY A 1449 18.90 6.49 -37.65
C GLY A 1449 19.43 7.92 -37.68
N ASP A 1450 18.95 8.70 -38.64
CA ASP A 1450 19.40 10.09 -38.78
C ASP A 1450 18.33 11.03 -38.24
N GLY A 1451 18.71 12.24 -37.83
CA GLY A 1451 17.71 13.19 -37.31
C GLY A 1451 18.27 14.56 -37.00
N SER A 1452 17.69 15.61 -37.58
CA SER A 1452 18.15 17.00 -37.33
C SER A 1452 16.98 17.94 -36.99
N GLU A 1453 17.11 18.72 -35.91
CA GLU A 1453 16.10 19.75 -35.51
C GLU A 1453 16.82 20.89 -34.79
N GLN A 1454 16.21 22.08 -34.77
CA GLN A 1454 16.86 23.27 -34.16
C GLN A 1454 17.11 23.11 -32.65
N THR A 1455 16.15 22.61 -31.88
CA THR A 1455 16.33 22.50 -30.41
C THR A 1455 17.45 21.51 -30.06
N ASN A 1456 17.42 20.34 -30.71
CA ASN A 1456 18.35 19.16 -30.64
C ASN A 1456 17.96 18.20 -29.50
N LYS A 1457 17.16 18.68 -28.54
CA LYS A 1457 16.70 17.82 -27.41
C LYS A 1457 15.73 16.78 -27.97
N LEU A 1458 14.86 17.23 -28.90
CA LEU A 1458 13.83 16.36 -29.53
C LEU A 1458 14.36 15.81 -30.85
N ALA A 1459 15.31 16.52 -31.49
CA ALA A 1459 15.87 16.03 -32.74
C ALA A 1459 16.39 14.60 -32.56
N LEU A 1460 16.97 14.32 -31.40
CA LEU A 1460 17.41 12.97 -31.08
C LEU A 1460 16.20 12.04 -30.94
N GLY A 1461 15.08 12.57 -30.46
CA GLY A 1461 13.85 11.79 -30.42
C GLY A 1461 13.27 11.54 -31.80
N LYS A 1462 13.48 12.49 -32.73
CA LYS A 1462 13.02 12.28 -34.10
C LYS A 1462 13.87 11.24 -34.82
N ALA A 1463 15.19 11.24 -34.55
CA ALA A 1463 16.04 10.16 -35.02
C ALA A 1463 15.65 8.83 -34.39
N ALA A 1464 15.21 8.86 -33.13
CA ALA A 1464 14.74 7.65 -32.46
C ALA A 1464 13.46 7.14 -33.11
N SER A 1465 12.56 8.03 -33.51
CA SER A 1465 11.34 7.60 -34.19
C SER A 1465 11.65 7.07 -35.59
N HIS A 1466 12.62 7.68 -36.27
CA HIS A 1466 13.05 7.19 -37.58
C HIS A 1466 13.67 5.81 -37.49
N LEU A 1467 14.38 5.53 -36.40
CA LEU A 1467 14.91 4.19 -36.21
C LEU A 1467 13.82 3.23 -35.75
N LEU A 1468 12.82 3.74 -35.04
CA LEU A 1468 11.82 2.86 -34.44
C LEU A 1468 10.83 2.37 -35.48
N THR A 1469 10.47 3.22 -36.44
CA THR A 1469 9.59 2.78 -37.52
C THR A 1469 10.28 1.76 -38.42
N GLN A 1470 11.60 1.88 -38.57
CA GLN A 1470 12.37 0.87 -39.27
C GLN A 1470 12.43 -0.43 -38.48
N LEU A 1471 12.62 -0.32 -37.17
CA LEU A 1471 12.79 -1.50 -36.33
C LEU A 1471 11.46 -2.22 -36.11
N GLU A 1472 10.35 -1.54 -36.39
CA GLU A 1472 9.05 -2.19 -36.30
C GLU A 1472 8.83 -3.10 -37.50
N LYS A 1473 9.53 -2.85 -38.60
CA LYS A 1473 9.31 -3.62 -39.83
C LYS A 1473 9.86 -5.04 -39.72
N ARG A 1474 10.76 -5.29 -38.78
CA ARG A 1474 11.28 -6.63 -38.55
C ARG A 1474 10.44 -7.38 -37.52
N ASN A 1475 9.22 -6.89 -37.28
CA ASN A 1475 8.20 -7.52 -36.42
C ASN A 1475 8.70 -7.68 -34.99
N ILE A 1476 9.17 -6.58 -34.41
CA ILE A 1476 9.51 -6.51 -32.99
C ILE A 1476 9.13 -5.12 -32.48
N SER A 1477 8.37 -5.09 -31.39
CA SER A 1477 7.84 -3.85 -30.85
C SER A 1477 7.46 -3.99 -29.38
N GLU A 1509 42.02 -5.51 -15.90
CA GLU A 1509 43.01 -6.48 -15.45
C GLU A 1509 43.20 -7.55 -16.51
N ILE A 1510 42.29 -8.53 -16.53
CA ILE A 1510 42.37 -9.59 -17.52
C ILE A 1510 41.82 -9.09 -18.85
N GLN A 1511 42.06 -9.87 -19.91
CA GLN A 1511 41.74 -9.42 -21.24
C GLN A 1511 40.41 -10.01 -21.72
N SER A 1512 39.96 -9.48 -22.86
CA SER A 1512 38.91 -10.07 -23.67
C SER A 1512 39.55 -11.06 -24.65
N ILE A 1513 38.85 -11.35 -25.75
CA ILE A 1513 39.39 -12.24 -26.78
C ILE A 1513 40.74 -11.74 -27.30
N VAL A 1514 40.78 -10.56 -27.95
CA VAL A 1514 42.06 -9.96 -28.29
C VAL A 1514 42.20 -8.50 -27.87
N ILE A 1515 41.44 -7.60 -28.51
CA ILE A 1515 41.67 -6.16 -28.41
C ILE A 1515 40.95 -5.49 -27.23
N PRO A 1516 39.65 -5.73 -26.94
CA PRO A 1516 39.04 -5.07 -25.76
C PRO A 1516 39.63 -5.53 -24.44
N PHE A 1517 39.35 -4.74 -23.39
CA PHE A 1517 40.06 -4.84 -22.12
C PHE A 1517 39.04 -4.82 -20.98
N ILE A 1518 38.95 -5.93 -20.26
CA ILE A 1518 38.14 -6.03 -19.04
C ILE A 1518 38.90 -5.31 -17.94
N GLY A 1519 38.17 -4.59 -17.08
CA GLY A 1519 38.76 -3.98 -15.91
C GLY A 1519 39.03 -4.98 -14.81
N PRO A 1520 39.37 -4.50 -13.62
CA PRO A 1520 39.64 -5.41 -12.49
C PRO A 1520 38.37 -6.10 -12.03
N ILE A 1521 38.50 -7.39 -11.69
CA ILE A 1521 37.33 -8.19 -11.33
C ILE A 1521 36.88 -7.81 -9.93
N ASN A 1522 35.60 -8.02 -9.65
CA ASN A 1522 35.01 -7.68 -8.36
C ASN A 1522 34.48 -8.97 -7.73
N MET A 1523 34.09 -8.89 -6.45
CA MET A 1523 33.55 -10.04 -5.73
C MET A 1523 32.27 -9.63 -5.01
N LYS A 1524 31.96 -10.32 -3.91
CA LYS A 1524 30.89 -10.07 -2.93
C LYS A 1524 29.48 -10.03 -3.54
N LYS A 1525 29.07 -11.18 -4.09
CA LYS A 1525 27.68 -11.57 -4.37
C LYS A 1525 27.06 -10.83 -5.56
N GLY A 1526 27.69 -9.77 -6.03
CA GLY A 1526 27.16 -9.02 -7.14
C GLY A 1526 28.19 -8.49 -8.09
N GLY A 1527 29.47 -8.80 -7.87
CA GLY A 1527 30.55 -8.17 -8.57
C GLY A 1527 30.69 -8.50 -10.04
N PRO A 1528 31.00 -9.75 -10.41
CA PRO A 1528 31.27 -10.05 -11.82
C PRO A 1528 30.09 -9.91 -12.75
N ARG A 1529 28.85 -10.04 -12.25
CA ARG A 1529 27.70 -9.72 -13.10
C ARG A 1529 27.63 -8.23 -13.38
N GLY A 1530 28.02 -7.40 -12.40
CA GLY A 1530 28.08 -5.97 -12.64
C GLY A 1530 29.15 -5.58 -13.64
N THR A 1531 30.33 -6.21 -13.54
CA THR A 1531 31.40 -5.91 -14.48
C THR A 1531 31.05 -6.39 -15.88
N LEU A 1532 30.42 -7.57 -15.98
CA LEU A 1532 30.03 -8.09 -17.28
C LEU A 1532 28.91 -7.25 -17.89
N HIS A 1533 28.01 -6.72 -17.05
CA HIS A 1533 26.94 -5.88 -17.55
C HIS A 1533 27.46 -4.55 -18.03
N GLU A 1534 28.40 -3.95 -17.29
CA GLU A 1534 28.98 -2.68 -17.72
C GLU A 1534 29.85 -2.88 -18.96
N PHE A 1535 30.47 -4.05 -19.10
CA PHE A 1535 31.27 -4.32 -20.28
C PHE A 1535 30.39 -4.57 -21.50
N CYS A 1536 29.22 -5.18 -21.30
CA CYS A 1536 28.30 -5.34 -22.41
C CYS A 1536 27.59 -4.03 -22.76
N LYS A 1537 27.55 -3.08 -21.82
CA LYS A 1537 27.00 -1.77 -22.18
C LYS A 1537 27.97 -0.97 -23.04
N LYS A 1538 29.27 -1.03 -22.73
CA LYS A 1538 30.24 -0.26 -23.50
C LYS A 1538 30.42 -0.83 -24.89
N HIS A 1539 30.91 -2.06 -24.99
CA HIS A 1539 31.02 -2.77 -26.25
C HIS A 1539 29.65 -3.35 -26.59
N LEU A 1540 29.11 -2.95 -27.75
CA LEU A 1540 27.70 -3.18 -28.07
C LEU A 1540 27.47 -4.67 -28.35
N TRP A 1541 27.23 -5.40 -27.27
CA TRP A 1541 26.88 -6.81 -27.30
C TRP A 1541 25.50 -6.99 -26.69
N PRO A 1542 24.76 -8.03 -27.07
CA PRO A 1542 23.51 -8.32 -26.39
C PRO A 1542 23.74 -8.96 -25.02
N MET A 1543 22.67 -9.02 -24.25
CA MET A 1543 22.73 -9.58 -22.91
C MET A 1543 22.91 -11.10 -22.97
N PRO A 1544 23.70 -11.68 -22.08
CA PRO A 1544 23.72 -13.13 -21.96
C PRO A 1544 22.48 -13.64 -21.23
N THR A 1545 22.14 -14.89 -21.49
CA THR A 1545 20.97 -15.54 -20.90
C THR A 1545 21.43 -16.71 -20.05
N PHE A 1546 20.99 -16.74 -18.79
CA PHE A 1546 21.45 -17.72 -17.82
C PHE A 1546 20.49 -18.89 -17.76
N ASP A 1547 21.01 -20.10 -17.90
CA ASP A 1547 20.23 -21.32 -17.74
C ASP A 1547 20.82 -22.12 -16.59
N THR A 1548 19.96 -22.66 -15.73
CA THR A 1548 20.39 -23.35 -14.53
C THR A 1548 19.88 -24.77 -14.53
N SER A 1549 20.39 -25.57 -13.60
CA SER A 1549 19.96 -26.94 -13.41
C SER A 1549 19.75 -27.18 -11.92
N GLU A 1550 18.49 -27.33 -11.53
CA GLU A 1550 18.10 -27.46 -10.14
C GLU A 1550 18.36 -28.89 -9.68
N GLU A 1551 18.87 -29.04 -8.47
CA GLU A 1551 19.18 -30.33 -7.87
C GLU A 1551 18.63 -30.35 -6.45
N LYS A 1552 18.24 -31.52 -5.97
CA LYS A 1552 17.75 -31.68 -4.61
C LYS A 1552 18.36 -32.92 -3.97
N SER A 1553 18.65 -32.82 -2.67
CA SER A 1553 19.22 -33.92 -1.91
C SER A 1553 18.44 -34.07 -0.61
N ARG A 1554 17.82 -35.24 -0.44
CA ARG A 1554 17.03 -35.48 0.77
C ARG A 1554 17.94 -35.68 1.98
N THR A 1555 19.19 -36.07 1.74
CA THR A 1555 20.17 -36.26 2.80
C THR A 1555 20.47 -34.93 3.50
N PRO A 1556 20.63 -34.95 4.83
CA PRO A 1556 20.66 -33.68 5.57
C PRO A 1556 22.04 -33.03 5.60
N PHE A 1557 22.71 -33.03 4.45
CA PHE A 1557 23.95 -32.30 4.21
C PHE A 1557 24.22 -32.20 2.71
N GLU A 1558 24.40 -30.98 2.21
CA GLU A 1558 24.97 -30.77 0.89
C GLU A 1558 26.15 -29.83 1.08
N PHE A 1559 27.36 -30.38 1.03
CA PHE A 1559 28.53 -29.72 1.60
C PHE A 1559 29.28 -28.97 0.51
N ILE A 1560 29.35 -27.65 0.66
CA ILE A 1560 30.06 -26.77 -0.28
C ILE A 1560 31.03 -25.92 0.54
N ASP A 1561 32.27 -25.83 0.07
CA ASP A 1561 33.33 -25.17 0.81
C ASP A 1561 33.19 -23.65 0.78
N GLY A 1562 34.22 -22.97 1.28
CA GLY A 1562 34.17 -21.55 1.51
C GLY A 1562 34.79 -21.19 2.85
N GLY A 1563 34.60 -19.93 3.23
CA GLY A 1563 35.09 -19.48 4.53
C GLY A 1563 34.37 -20.14 5.69
N GLU A 1564 33.05 -20.30 5.56
CA GLU A 1564 32.29 -21.07 6.54
C GLU A 1564 32.11 -22.49 6.03
N LYS A 1565 31.46 -23.33 6.84
CA LYS A 1565 31.21 -24.71 6.42
C LYS A 1565 30.09 -24.78 5.38
N ARG A 1566 29.03 -23.98 5.57
CA ARG A 1566 27.96 -23.72 4.60
C ARG A 1566 27.23 -25.02 4.22
N THR A 1567 26.51 -25.56 5.19
CA THR A 1567 25.58 -26.65 4.92
C THR A 1567 24.37 -26.10 4.16
N SER A 1568 23.77 -26.94 3.33
CA SER A 1568 22.67 -26.53 2.47
C SER A 1568 21.92 -27.76 1.97
N PHE A 1569 21.04 -27.54 1.00
CA PHE A 1569 20.27 -28.62 0.39
C PHE A 1569 20.11 -28.44 -1.12
N SER A 1570 20.93 -27.62 -1.75
CA SER A 1570 20.62 -27.16 -3.11
C SER A 1570 21.58 -27.67 -4.17
N SER A 1571 22.87 -27.31 -4.09
CA SER A 1571 23.91 -27.62 -5.07
C SER A 1571 23.49 -27.22 -6.49
N PHE A 1572 23.34 -25.92 -6.68
CA PHE A 1572 23.02 -25.38 -8.00
C PHE A 1572 24.26 -25.28 -8.86
N THR A 1573 24.06 -25.39 -10.17
CA THR A 1573 25.07 -25.10 -11.18
C THR A 1573 24.38 -24.63 -12.44
N SER A 1574 25.05 -23.75 -13.19
CA SER A 1574 24.41 -23.02 -14.28
C SER A 1574 25.34 -22.92 -15.47
N THR A 1575 24.80 -23.16 -16.66
CA THR A 1575 25.52 -22.97 -17.91
C THR A 1575 24.87 -21.85 -18.70
N ILE A 1576 25.69 -20.90 -19.16
CA ILE A 1576 25.21 -19.67 -19.76
C ILE A 1576 25.66 -19.66 -21.21
N THR A 1577 25.06 -18.78 -22.01
CA THR A 1577 25.55 -18.51 -23.37
C THR A 1577 25.74 -17.02 -23.53
N LEU A 1578 26.76 -16.64 -24.31
CA LEU A 1578 27.10 -15.24 -24.53
C LEU A 1578 27.19 -14.98 -26.02
N ARG A 1579 26.13 -14.40 -26.57
CA ARG A 1579 26.08 -14.16 -28.00
C ARG A 1579 26.89 -12.95 -28.37
N ILE A 1580 28.00 -13.20 -29.05
CA ILE A 1580 28.91 -12.14 -29.52
C ILE A 1580 28.61 -11.92 -31.00
N PRO A 1581 28.50 -10.66 -31.46
CA PRO A 1581 28.14 -10.43 -32.86
C PRO A 1581 29.24 -10.84 -33.81
N ASN A 1582 28.82 -11.46 -34.92
CA ASN A 1582 29.66 -11.91 -36.04
C ASN A 1582 30.65 -12.99 -35.62
N ARG A 1583 30.31 -13.72 -34.55
CA ARG A 1583 31.03 -14.92 -34.14
C ARG A 1583 30.01 -15.93 -33.65
N GLU A 1584 30.52 -17.03 -33.09
CA GLU A 1584 29.64 -18.07 -32.59
C GLU A 1584 29.34 -17.87 -31.11
N ALA A 1585 28.29 -18.53 -30.64
CA ALA A 1585 27.94 -18.48 -29.22
C ALA A 1585 28.87 -19.36 -28.41
N VAL A 1586 29.11 -18.96 -27.17
CA VAL A 1586 30.03 -19.67 -26.29
C VAL A 1586 29.32 -20.11 -25.02
N MET A 1587 29.44 -21.39 -24.67
CA MET A 1587 28.76 -21.91 -23.49
C MET A 1587 29.74 -22.56 -22.53
N TYR A 1588 29.53 -22.33 -21.23
CA TYR A 1588 30.36 -22.92 -20.19
C TYR A 1588 29.58 -22.89 -18.88
N ALA A 1589 30.04 -23.66 -17.90
CA ALA A 1589 29.30 -23.85 -16.65
C ALA A 1589 30.22 -23.75 -15.44
N GLY A 1590 29.65 -23.31 -14.30
CA GLY A 1590 30.31 -23.40 -13.02
C GLY A 1590 29.84 -24.63 -12.24
N GLU A 1591 30.28 -24.74 -10.99
CA GLU A 1591 29.97 -25.96 -10.24
C GLU A 1591 29.27 -25.76 -8.89
N ALA A 1592 29.78 -24.85 -8.07
CA ALA A 1592 29.57 -24.84 -6.62
C ALA A 1592 28.45 -23.94 -6.15
N ARG A 1593 28.52 -23.58 -4.85
CA ARG A 1593 27.91 -22.44 -4.16
C ARG A 1593 26.39 -22.38 -4.29
N PRO A 1594 25.69 -23.10 -3.40
CA PRO A 1594 24.25 -23.32 -3.53
C PRO A 1594 23.35 -22.12 -3.33
N ASP A 1595 23.53 -21.08 -4.12
CA ASP A 1595 22.54 -20.03 -4.33
C ASP A 1595 22.32 -19.90 -5.82
N LYS A 1596 21.12 -19.46 -6.20
CA LYS A 1596 20.85 -19.17 -7.61
C LYS A 1596 21.76 -18.06 -8.13
N LYS A 1597 21.85 -16.98 -7.35
CA LYS A 1597 22.65 -15.82 -7.75
C LYS A 1597 24.13 -16.14 -7.72
N SER A 1598 24.57 -16.92 -6.73
CA SER A 1598 25.99 -17.21 -6.60
C SER A 1598 26.41 -18.26 -7.61
N SER A 1599 25.47 -19.14 -8.02
CA SER A 1599 25.72 -20.06 -9.12
C SER A 1599 25.90 -19.30 -10.44
N PHE A 1600 25.03 -18.31 -10.67
CA PHE A 1600 25.20 -17.41 -11.82
C PHE A 1600 26.56 -16.71 -11.79
N ASP A 1601 26.98 -16.30 -10.60
CA ASP A 1601 28.24 -15.58 -10.44
C ASP A 1601 29.45 -16.47 -10.75
N SER A 1602 29.41 -17.72 -10.26
CA SER A 1602 30.48 -18.67 -10.55
C SER A 1602 30.56 -18.97 -12.04
N ALA A 1603 29.40 -19.08 -12.70
CA ALA A 1603 29.39 -19.30 -14.14
C ALA A 1603 29.99 -18.11 -14.90
N VAL A 1604 29.75 -16.90 -14.39
CA VAL A 1604 30.35 -15.70 -15.00
C VAL A 1604 31.87 -15.74 -14.90
N VAL A 1605 32.38 -16.08 -13.70
CA VAL A 1605 33.83 -16.15 -13.49
C VAL A 1605 34.46 -17.23 -14.37
N GLU A 1606 33.79 -18.37 -14.50
CA GLU A 1606 34.33 -19.45 -15.31
C GLU A 1606 34.34 -19.10 -16.80
N LEU A 1607 33.33 -18.38 -17.28
CA LEU A 1607 33.35 -18.04 -18.70
C LEU A 1607 34.36 -16.93 -18.97
N LEU A 1608 34.64 -16.09 -17.96
CA LEU A 1608 35.66 -15.07 -18.17
C LEU A 1608 37.05 -15.68 -18.14
N TYR A 1609 37.23 -16.78 -17.42
CA TYR A 1609 38.52 -17.47 -17.48
C TYR A 1609 38.67 -18.28 -18.76
N GLU A 1610 37.57 -18.80 -19.30
CA GLU A 1610 37.66 -19.46 -20.61
C GLU A 1610 37.87 -18.43 -21.72
N LEU A 1611 37.34 -17.23 -21.54
CA LEU A 1611 37.33 -16.24 -22.60
C LEU A 1611 38.72 -15.64 -22.81
N GLU A 1612 39.61 -15.83 -21.83
CA GLU A 1612 40.95 -15.26 -21.92
C GLU A 1612 41.83 -16.02 -22.91
N ARG A 1613 41.73 -17.35 -22.91
CA ARG A 1613 42.56 -18.19 -23.77
C ARG A 1613 41.82 -18.52 -25.07
N ARG A 1614 41.33 -17.46 -25.71
CA ARG A 1614 40.66 -17.57 -27.00
C ARG A 1614 40.66 -16.23 -27.70
CA CA D . 3.84 12.69 -3.08
CA CA E . 3.57 27.94 -20.06
ZN ZN F . 10.20 1.07 21.64
#